data_7BVQ
#
_entry.id   7BVQ
#
_cell.length_a   52.134
_cell.length_b   52.825
_cell.length_c   142.749
_cell.angle_alpha   92.137
_cell.angle_beta   90.714
_cell.angle_gamma   116.647
#
_symmetry.space_group_name_H-M   'P 1'
#
loop_
_entity.id
_entity.type
_entity.pdbx_description
1 polymer 'Endolysin,Beta-1 adrenergic receptor chimera'
2 branched alpha-D-glucopyranose-(1-4)-alpha-D-glucopyranose
3 non-polymer CHOLESTEROL
4 non-polymer (2S)-1-(9H-Carbazol-4-yloxy)-3-(isopropylamino)propan-2-ol
5 non-polymer 'SULFATE ION'
6 non-polymer '(2S)-2,3-dihydroxypropyl (7Z)-tetradec-7-enoate'
7 non-polymer 'SODIUM ION'
8 non-polymer 'CITRIC ACID'
9 non-polymer 'TETRAETHYLENE GLYCOL'
10 water water
#
_entity_poly.entity_id   1
_entity_poly.type   'polypeptide(L)'
_entity_poly.pdbx_seq_one_letter_code
;DYKDDDDANIFEMLRIDEGLRLKIYKDTEGYYTIGIGHLLTKSPSLNAAKSELDKAIGRNTNGVITKDEAEKLFNQDVDA
AVRGILRNAKLKPVYDSLDAVRRAALINMVFQMGETGVAGFTNSLRMLQQKRWDEAAVNLAKSRWYNQTPNRAKRVITTF
RTGTWDAYAASQQWTAGMGLLMALIVLLIVAGNVLVIVAIAKTPRLQTLTNLFIMSLASADLVMGLLVVPFGATIVVWGR
WEYGSFFCELWTSVDVLCVTASIETLCVIALDRYLAITSPFRYQSLLTRARARGLVCTVWAISALVSFLPILMHWWRAES
DEARRCYNDPKCCDFVTNRAYAIASSVVSFYVPLCIMAFVYLRVFREAQKQVKKIDSVALREQKALKTLGIIMGVFTLCW
LPFFLANVVKAFHRELVPDRLFVFFNWLGYANSAFNPIIYCRSPDFRKAFQGLLCCARRAAR
;
_entity_poly.pdbx_strand_id   A,B
#
loop_
_chem_comp.id
_chem_comp.type
_chem_comp.name
_chem_comp.formula
1WV non-polymer '(2S)-2,3-dihydroxypropyl (7Z)-tetradec-7-enoate' 'C17 H32 O4'
CAU non-polymer (2S)-1-(9H-Carbazol-4-yloxy)-3-(isopropylamino)propan-2-ol 'C18 H22 N2 O2'
CIT non-polymer 'CITRIC ACID' 'C6 H8 O7'
CLR non-polymer CHOLESTEROL 'C27 H46 O'
GLC D-saccharide, alpha linking alpha-D-glucopyranose 'C6 H12 O6'
NA non-polymer 'SODIUM ION' 'Na 1'
PG4 non-polymer 'TETRAETHYLENE GLYCOL' 'C8 H18 O5'
SO4 non-polymer 'SULFATE ION' 'O4 S -2'
#
# COMPACT_ATOMS: atom_id res chain seq x y z
N ASP A 1 -2.53 76.36 -13.17
CA ASP A 1 -3.58 77.34 -12.91
C ASP A 1 -4.60 76.76 -11.94
N TYR A 2 -5.27 77.65 -11.19
CA TYR A 2 -6.11 77.16 -10.10
C TYR A 2 -7.31 76.37 -10.63
N LYS A 3 -7.67 76.55 -11.91
CA LYS A 3 -8.75 75.79 -12.53
C LYS A 3 -8.33 74.43 -13.07
N ASP A 4 -7.03 74.11 -13.08
CA ASP A 4 -6.59 72.89 -13.74
C ASP A 4 -7.16 71.64 -13.08
N ASP A 5 -7.28 71.61 -11.76
CA ASP A 5 -7.68 70.37 -11.10
C ASP A 5 -9.11 69.98 -11.45
N ASP A 6 -10.00 70.92 -11.75
CA ASP A 6 -11.34 70.56 -12.19
C ASP A 6 -11.32 69.85 -13.55
N ASP A 7 -10.37 70.20 -14.42
CA ASP A 7 -10.29 69.49 -15.68
C ASP A 7 -9.78 68.08 -15.47
N ALA A 8 -8.83 67.90 -14.56
CA ALA A 8 -8.34 66.55 -14.27
C ALA A 8 -9.41 65.69 -13.60
N ASN A 9 -10.27 66.30 -12.78
CA ASN A 9 -11.29 65.53 -12.07
C ASN A 9 -12.33 64.99 -13.05
N ILE A 10 -12.83 65.86 -13.93
CA ILE A 10 -13.83 65.36 -14.87
C ILE A 10 -13.20 64.39 -15.84
N PHE A 11 -11.92 64.57 -16.18
CA PHE A 11 -11.24 63.62 -17.04
C PHE A 11 -11.15 62.25 -16.39
N GLU A 12 -10.83 62.20 -15.10
CA GLU A 12 -10.77 60.91 -14.40
C GLU A 12 -12.16 60.29 -14.24
N MET A 13 -13.20 61.11 -14.12
CA MET A 13 -14.55 60.55 -14.04
C MET A 13 -14.87 59.77 -15.31
N LEU A 14 -14.70 60.40 -16.47
CA LEU A 14 -14.98 59.70 -17.72
C LEU A 14 -13.97 58.61 -18.03
N ARG A 15 -12.74 58.73 -17.54
CA ARG A 15 -11.81 57.64 -17.72
C ARG A 15 -12.35 56.37 -17.09
N ILE A 16 -12.97 56.50 -15.92
CA ILE A 16 -13.59 55.35 -15.27
C ILE A 16 -14.85 54.93 -16.02
N ASP A 17 -15.63 55.88 -16.54
CA ASP A 17 -16.91 55.55 -17.14
C ASP A 17 -16.84 55.11 -18.59
N GLU A 18 -15.95 55.70 -19.40
CA GLU A 18 -15.82 55.34 -20.81
C GLU A 18 -14.50 54.64 -21.15
N GLY A 19 -13.49 54.73 -20.30
CA GLY A 19 -12.20 54.17 -20.60
C GLY A 19 -11.33 55.10 -21.43
N LEU A 20 -10.04 54.73 -21.50
CA LEU A 20 -9.01 55.57 -22.09
C LEU A 20 -8.12 54.75 -23.02
N ARG A 21 -7.82 55.31 -24.18
CA ARG A 21 -6.94 54.63 -25.13
C ARG A 21 -5.95 55.65 -25.70
N LEU A 22 -4.68 55.28 -25.65
CA LEU A 22 -3.58 56.18 -25.97
C LEU A 22 -3.03 55.95 -27.37
N LYS A 23 -3.60 55.01 -28.12
CA LYS A 23 -3.21 54.75 -29.50
C LYS A 23 -4.45 54.88 -30.38
N ILE A 24 -4.26 55.42 -31.60
CA ILE A 24 -5.40 55.60 -32.48
C ILE A 24 -6.08 54.27 -32.73
N TYR A 25 -7.40 54.29 -32.82
CA TYR A 25 -8.21 53.11 -33.06
C TYR A 25 -9.47 53.54 -33.77
N LYS A 26 -10.13 52.59 -34.42
CA LYS A 26 -11.40 52.85 -35.07
C LYS A 26 -12.55 52.65 -34.10
N ASP A 27 -13.49 53.60 -34.09
CA ASP A 27 -14.69 53.46 -33.28
C ASP A 27 -15.64 52.51 -33.98
N THR A 28 -16.76 52.17 -33.33
CA THR A 28 -17.57 51.08 -33.87
C THR A 28 -18.05 51.39 -35.28
N GLU A 29 -18.30 52.66 -35.57
CA GLU A 29 -18.65 53.11 -36.90
C GLU A 29 -17.44 53.25 -37.81
N GLY A 30 -16.23 53.00 -37.31
CA GLY A 30 -15.05 52.98 -38.15
C GLY A 30 -14.30 54.28 -38.33
N TYR A 31 -14.63 55.32 -37.58
CA TYR A 31 -13.89 56.56 -37.67
C TYR A 31 -12.69 56.56 -36.71
N TYR A 32 -11.57 57.12 -37.15
CA TYR A 32 -10.38 57.14 -36.32
C TYR A 32 -10.57 58.00 -35.08
N THR A 33 -10.15 57.46 -33.94
CA THR A 33 -10.50 57.97 -32.63
C THR A 33 -9.36 57.67 -31.68
N ILE A 34 -9.17 58.53 -30.68
CA ILE A 34 -8.14 58.36 -29.66
C ILE A 34 -8.65 58.96 -28.35
N GLY A 35 -7.90 58.73 -27.27
CA GLY A 35 -8.20 59.34 -25.99
C GLY A 35 -9.45 58.75 -25.35
N ILE A 36 -10.31 59.62 -24.85
CA ILE A 36 -11.63 59.23 -24.37
C ILE A 36 -12.62 59.66 -25.43
N GLY A 37 -12.77 58.85 -26.47
CA GLY A 37 -13.79 59.13 -27.46
C GLY A 37 -13.53 60.33 -28.34
N HIS A 38 -12.29 60.82 -28.42
CA HIS A 38 -12.03 61.98 -29.25
C HIS A 38 -11.92 61.53 -30.70
N LEU A 39 -12.88 61.94 -31.53
CA LEU A 39 -12.92 61.52 -32.92
C LEU A 39 -12.01 62.43 -33.74
N LEU A 40 -11.00 61.85 -34.38
CA LEU A 40 -9.99 62.67 -35.04
C LEU A 40 -10.47 63.18 -36.39
N THR A 41 -11.12 62.32 -37.17
CA THR A 41 -11.58 62.68 -38.51
C THR A 41 -12.49 61.59 -39.01
N LYS A 42 -13.41 61.97 -39.87
CA LYS A 42 -14.19 60.97 -40.59
C LYS A 42 -13.50 60.50 -41.86
N SER A 43 -12.32 61.03 -42.17
CA SER A 43 -11.59 60.63 -43.36
C SER A 43 -11.09 59.19 -43.24
N PRO A 44 -11.24 58.37 -44.29
CA PRO A 44 -10.70 57.01 -44.23
C PRO A 44 -9.19 56.94 -44.05
N SER A 45 -8.43 57.96 -44.50
CA SER A 45 -6.98 57.90 -44.42
C SER A 45 -6.49 57.91 -42.97
N LEU A 46 -5.63 56.97 -42.63
CA LEU A 46 -5.01 56.97 -41.31
C LEU A 46 -4.05 58.16 -41.16
N ASN A 47 -3.36 58.51 -42.24
CA ASN A 47 -2.43 59.63 -42.16
C ASN A 47 -3.15 60.95 -41.97
N ALA A 48 -4.36 61.08 -42.52
CA ALA A 48 -5.17 62.26 -42.25
C ALA A 48 -5.57 62.33 -40.79
N ALA A 49 -5.76 61.18 -40.14
CA ALA A 49 -6.11 61.16 -38.73
C ALA A 49 -4.91 61.50 -37.85
N LYS A 50 -3.74 60.91 -38.15
CA LYS A 50 -2.53 61.29 -37.42
C LYS A 50 -2.20 62.76 -37.66
N SER A 51 -2.48 63.25 -38.86
CA SER A 51 -2.30 64.67 -39.15
C SER A 51 -3.18 65.53 -38.25
N GLU A 52 -4.46 65.16 -38.11
CA GLU A 52 -5.33 65.90 -37.21
C GLU A 52 -4.89 65.76 -35.76
N LEU A 53 -4.34 64.62 -35.38
CA LEU A 53 -3.85 64.46 -34.02
C LEU A 53 -2.65 65.36 -33.77
N ASP A 54 -1.68 65.35 -34.69
CA ASP A 54 -0.49 66.16 -34.52
C ASP A 54 -0.83 67.64 -34.48
N LYS A 55 -1.89 68.05 -35.17
CA LYS A 55 -2.30 69.45 -35.10
C LYS A 55 -2.83 69.79 -33.71
N ALA A 56 -3.75 68.97 -33.18
CA ALA A 56 -4.31 69.26 -31.86
C ALA A 56 -3.26 69.13 -30.75
N ILE A 57 -2.27 68.24 -30.91
CA ILE A 57 -1.32 67.98 -29.83
C ILE A 57 -0.08 68.87 -29.90
N GLY A 58 0.31 69.34 -31.08
CA GLY A 58 1.52 70.12 -31.20
C GLY A 58 2.82 69.35 -31.27
N ARG A 59 2.79 68.11 -31.75
CA ARG A 59 3.99 67.34 -32.04
C ARG A 59 3.61 66.24 -33.02
N ASN A 60 4.62 65.49 -33.48
CA ASN A 60 4.44 64.33 -34.35
C ASN A 60 4.23 63.08 -33.48
N THR A 61 2.97 62.77 -33.19
CA THR A 61 2.63 61.69 -32.27
C THR A 61 2.75 60.31 -32.89
N ASN A 62 2.65 60.21 -34.22
CA ASN A 62 2.55 58.91 -34.89
C ASN A 62 1.37 58.10 -34.35
N GLY A 63 0.31 58.78 -33.92
CA GLY A 63 -0.86 58.10 -33.41
C GLY A 63 -0.74 57.52 -32.02
N VAL A 64 0.25 57.94 -31.23
CA VAL A 64 0.40 57.53 -29.84
C VAL A 64 0.56 58.79 -28.99
N ILE A 65 -0.08 58.80 -27.81
CA ILE A 65 -0.12 59.97 -26.96
C ILE A 65 -0.05 59.56 -25.50
N THR A 66 0.25 60.53 -24.65
CA THR A 66 0.29 60.35 -23.22
C THR A 66 -1.06 60.66 -22.57
N LYS A 67 -1.20 60.22 -21.32
CA LYS A 67 -2.41 60.52 -20.55
C LYS A 67 -2.69 62.02 -20.50
N ASP A 68 -1.65 62.82 -20.27
CA ASP A 68 -1.86 64.26 -20.16
C ASP A 68 -2.29 64.88 -21.50
N GLU A 69 -1.75 64.38 -22.60
CA GLU A 69 -2.19 64.84 -23.91
C GLU A 69 -3.61 64.38 -24.23
N ALA A 70 -3.99 63.19 -23.74
CA ALA A 70 -5.37 62.75 -23.91
C ALA A 70 -6.31 63.64 -23.14
N GLU A 71 -5.87 64.16 -21.99
CA GLU A 71 -6.67 65.13 -21.25
C GLU A 71 -6.77 66.45 -21.98
N LYS A 72 -5.74 66.81 -22.76
CA LYS A 72 -5.78 68.04 -23.53
C LYS A 72 -6.88 67.97 -24.58
N LEU A 73 -6.98 66.83 -25.27
CA LEU A 73 -8.08 66.61 -26.20
C LEU A 73 -9.42 66.64 -25.47
N PHE A 74 -9.49 65.99 -24.31
CA PHE A 74 -10.76 65.85 -23.62
C PHE A 74 -11.30 67.20 -23.15
N ASN A 75 -10.42 68.15 -22.79
CA ASN A 75 -10.90 69.46 -22.37
C ASN A 75 -11.60 70.17 -23.53
N GLN A 76 -11.15 69.92 -24.76
CA GLN A 76 -11.82 70.50 -25.91
C GLN A 76 -13.19 69.88 -26.11
N ASP A 77 -13.30 68.57 -25.94
CA ASP A 77 -14.60 67.92 -26.03
C ASP A 77 -15.53 68.40 -24.93
N VAL A 78 -14.97 68.66 -23.74
CA VAL A 78 -15.80 69.17 -22.65
C VAL A 78 -16.32 70.56 -22.97
N ASP A 79 -15.51 71.39 -23.62
CA ASP A 79 -15.96 72.72 -24.02
C ASP A 79 -17.10 72.62 -25.03
N ALA A 80 -17.03 71.65 -25.95
CA ALA A 80 -18.11 71.47 -26.91
C ALA A 80 -19.40 71.04 -26.23
N ALA A 81 -19.30 70.16 -25.24
CA ALA A 81 -20.50 69.78 -24.51
C ALA A 81 -21.08 70.98 -23.78
N VAL A 82 -20.24 71.83 -23.20
CA VAL A 82 -20.76 72.97 -22.47
C VAL A 82 -21.45 73.93 -23.43
N ARG A 83 -20.88 74.14 -24.62
CA ARG A 83 -21.53 74.99 -25.60
C ARG A 83 -22.88 74.45 -26.00
N GLY A 84 -22.98 73.14 -26.18
CA GLY A 84 -24.26 72.55 -26.51
C GLY A 84 -25.25 72.63 -25.36
N ILE A 85 -24.77 72.46 -24.13
CA ILE A 85 -25.67 72.61 -22.99
C ILE A 85 -26.17 74.04 -22.91
N LEU A 86 -25.27 75.01 -23.12
CA LEU A 86 -25.67 76.40 -22.97
C LEU A 86 -26.67 76.83 -24.04
N ARG A 87 -26.69 76.15 -25.19
CA ARG A 87 -27.62 76.47 -26.26
C ARG A 87 -28.89 75.64 -26.24
N ASN A 88 -29.08 74.77 -25.25
CA ASN A 88 -30.29 73.99 -25.10
C ASN A 88 -31.13 74.55 -23.96
N ALA A 89 -32.33 75.04 -24.30
CA ALA A 89 -33.14 75.79 -23.35
C ALA A 89 -33.56 74.96 -22.15
N LYS A 90 -33.64 73.66 -22.29
CA LYS A 90 -33.95 72.83 -21.11
C LYS A 90 -32.72 72.61 -20.24
N LEU A 91 -31.52 72.57 -20.81
CA LEU A 91 -30.34 72.21 -20.05
C LEU A 91 -29.62 73.43 -19.45
N LYS A 92 -29.64 74.57 -20.14
CA LYS A 92 -28.93 75.75 -19.65
C LYS A 92 -29.35 76.22 -18.27
N PRO A 93 -30.64 76.39 -17.97
CA PRO A 93 -30.99 76.76 -16.59
C PRO A 93 -30.55 75.75 -15.53
N VAL A 94 -30.53 74.45 -15.83
CA VAL A 94 -30.06 73.47 -14.85
C VAL A 94 -28.55 73.59 -14.68
N TYR A 95 -27.83 73.68 -15.80
CA TYR A 95 -26.38 73.80 -15.75
C TYR A 95 -25.96 75.05 -14.97
N ASP A 96 -26.69 76.15 -15.15
CA ASP A 96 -26.35 77.39 -14.45
C ASP A 96 -26.50 77.26 -12.94
N SER A 97 -27.41 76.41 -12.47
CA SER A 97 -27.67 76.26 -11.04
C SER A 97 -26.76 75.26 -10.35
N LEU A 98 -25.94 74.51 -11.08
CA LEU A 98 -25.18 73.42 -10.50
C LEU A 98 -23.75 73.83 -10.21
N ASP A 99 -23.14 73.18 -9.22
CA ASP A 99 -21.73 73.36 -8.91
C ASP A 99 -20.88 72.48 -9.83
N ALA A 100 -19.56 72.57 -9.68
CA ALA A 100 -18.68 71.88 -10.62
C ALA A 100 -18.90 70.37 -10.61
N VAL A 101 -19.15 69.78 -9.44
CA VAL A 101 -19.28 68.33 -9.37
C VAL A 101 -20.56 67.87 -10.08
N ARG A 102 -21.68 68.54 -9.80
CA ARG A 102 -22.93 68.16 -10.46
C ARG A 102 -22.91 68.55 -11.93
N ARG A 103 -22.20 69.61 -12.29
CA ARG A 103 -22.04 69.88 -13.71
C ARG A 103 -21.30 68.76 -14.39
N ALA A 104 -20.32 68.15 -13.69
CA ALA A 104 -19.59 67.03 -14.28
C ALA A 104 -20.51 65.85 -14.53
N ALA A 105 -21.48 65.63 -13.64
CA ALA A 105 -22.45 64.55 -13.84
C ALA A 105 -23.29 64.81 -15.09
N LEU A 106 -23.82 66.03 -15.21
CA LEU A 106 -24.59 66.41 -16.39
C LEU A 106 -23.76 66.30 -17.66
N ILE A 107 -22.52 66.80 -17.63
CA ILE A 107 -21.67 66.72 -18.81
C ILE A 107 -21.40 65.25 -19.15
N ASN A 108 -21.33 64.41 -18.12
CA ASN A 108 -21.08 62.99 -18.35
C ASN A 108 -22.28 62.35 -19.06
N MET A 109 -23.49 62.71 -18.67
CA MET A 109 -24.67 62.20 -19.36
C MET A 109 -24.69 62.68 -20.81
N VAL A 110 -24.24 63.92 -21.03
CA VAL A 110 -24.20 64.47 -22.39
C VAL A 110 -23.22 63.69 -23.25
N PHE A 111 -22.12 63.21 -22.67
CA PHE A 111 -21.21 62.39 -23.46
C PHE A 111 -21.83 61.05 -23.82
N GLN A 112 -22.74 60.54 -23.00
CA GLN A 112 -23.31 59.24 -23.25
C GLN A 112 -24.52 59.31 -24.18
N MET A 113 -25.41 60.30 -23.99
CA MET A 113 -26.70 60.44 -24.67
C MET A 113 -26.76 61.59 -25.66
N GLY A 114 -25.93 62.62 -25.49
CA GLY A 114 -26.09 63.87 -26.22
C GLY A 114 -27.03 64.83 -25.52
N GLU A 115 -26.95 66.10 -25.93
CA GLU A 115 -27.78 67.13 -25.31
C GLU A 115 -29.26 66.78 -25.41
N THR A 116 -29.73 66.39 -26.59
CA THR A 116 -31.13 66.03 -26.76
C THR A 116 -31.50 64.85 -25.88
N GLY A 117 -30.59 63.89 -25.73
CA GLY A 117 -30.88 62.75 -24.87
C GLY A 117 -31.10 63.18 -23.43
N VAL A 118 -30.18 64.00 -22.90
CA VAL A 118 -30.33 64.48 -21.54
C VAL A 118 -31.54 65.40 -21.45
N ALA A 119 -31.81 66.16 -22.51
CA ALA A 119 -32.91 67.10 -22.50
C ALA A 119 -34.27 66.43 -22.33
N GLY A 120 -34.37 65.12 -22.64
CA GLY A 120 -35.62 64.40 -22.48
C GLY A 120 -35.96 63.98 -21.07
N PHE A 121 -35.02 64.13 -20.13
CA PHE A 121 -35.26 63.88 -18.70
C PHE A 121 -35.89 65.13 -18.06
N THR A 122 -37.06 65.50 -18.57
CA THR A 122 -37.63 66.79 -18.23
C THR A 122 -37.99 66.92 -16.75
N ASN A 123 -38.43 65.84 -16.11
CA ASN A 123 -38.76 65.96 -14.69
C ASN A 123 -37.52 65.95 -13.81
N SER A 124 -36.54 65.09 -14.14
CA SER A 124 -35.31 65.06 -13.37
C SER A 124 -34.59 66.40 -13.43
N LEU A 125 -34.60 67.03 -14.61
CA LEU A 125 -33.96 68.32 -14.77
C LEU A 125 -34.66 69.39 -13.92
N ARG A 126 -35.98 69.30 -13.80
CA ARG A 126 -36.71 70.22 -12.94
C ARG A 126 -36.31 70.03 -11.48
N MET A 127 -36.10 68.79 -11.08
CA MET A 127 -35.75 68.53 -9.69
C MET A 127 -34.32 68.94 -9.38
N LEU A 128 -33.43 68.91 -10.38
CA LEU A 128 -32.05 69.32 -10.16
C LEU A 128 -31.97 70.83 -9.97
N GLN A 129 -32.60 71.58 -10.88
CA GLN A 129 -32.63 73.03 -10.74
C GLN A 129 -33.39 73.47 -9.51
N GLN A 130 -34.26 72.61 -9.01
CA GLN A 130 -34.97 72.80 -7.76
C GLN A 130 -34.20 72.24 -6.57
N LYS A 131 -33.04 71.63 -6.81
CA LYS A 131 -32.16 71.08 -5.77
C LYS A 131 -32.84 69.99 -4.95
N ARG A 132 -33.84 69.32 -5.54
CA ARG A 132 -34.49 68.15 -4.94
C ARG A 132 -33.72 66.90 -5.36
N TRP A 133 -32.55 66.71 -4.74
CA TRP A 133 -31.57 65.79 -5.29
C TRP A 133 -32.05 64.35 -5.24
N ASP A 134 -32.57 63.92 -4.08
CA ASP A 134 -33.00 62.53 -3.93
C ASP A 134 -34.14 62.20 -4.88
N GLU A 135 -35.03 63.16 -5.16
CA GLU A 135 -36.09 62.89 -6.12
C GLU A 135 -35.55 62.87 -7.55
N ALA A 136 -34.57 63.72 -7.84
CA ALA A 136 -33.94 63.66 -9.16
C ALA A 136 -33.25 62.31 -9.36
N ALA A 137 -32.63 61.78 -8.31
CA ALA A 137 -31.96 60.50 -8.43
C ALA A 137 -32.94 59.36 -8.68
N VAL A 138 -34.16 59.47 -8.15
CA VAL A 138 -35.13 58.40 -8.34
C VAL A 138 -35.61 58.39 -9.79
N ASN A 139 -36.02 59.56 -10.29
CA ASN A 139 -36.50 59.63 -11.66
C ASN A 139 -35.40 59.27 -12.66
N LEU A 140 -34.15 59.65 -12.38
CA LEU A 140 -33.06 59.31 -13.29
C LEU A 140 -32.87 57.81 -13.39
N ALA A 141 -33.09 57.09 -12.28
CA ALA A 141 -32.89 55.64 -12.27
C ALA A 141 -34.00 54.90 -13.03
N LYS A 142 -35.15 55.53 -13.25
CA LYS A 142 -36.25 54.90 -13.97
C LYS A 142 -36.02 55.18 -15.45
N SER A 143 -35.09 54.44 -16.04
CA SER A 143 -34.63 54.74 -17.38
C SER A 143 -33.97 53.54 -18.02
N ARG A 144 -34.06 53.47 -19.35
CA ARG A 144 -33.28 52.48 -20.08
C ARG A 144 -31.78 52.72 -19.91
N TRP A 145 -31.36 53.98 -19.80
CA TRP A 145 -29.97 54.29 -19.47
C TRP A 145 -29.51 53.54 -18.24
N TYR A 146 -30.26 53.67 -17.13
CA TYR A 146 -29.86 52.98 -15.91
C TYR A 146 -29.80 51.48 -16.12
N ASN A 147 -30.77 50.93 -16.85
CA ASN A 147 -30.81 49.48 -17.03
C ASN A 147 -29.69 48.98 -17.95
N GLN A 148 -29.26 49.76 -18.93
CA GLN A 148 -28.26 49.24 -19.85
C GLN A 148 -26.84 49.39 -19.29
N THR A 149 -26.56 50.49 -18.59
CA THR A 149 -25.25 50.75 -17.98
C THR A 149 -25.47 51.10 -16.51
N PRO A 150 -25.92 50.14 -15.71
CA PRO A 150 -26.18 50.42 -14.29
C PRO A 150 -24.97 50.88 -13.49
N ASN A 151 -23.76 50.42 -13.80
CA ASN A 151 -22.61 50.82 -12.99
C ASN A 151 -22.28 52.29 -13.19
N ARG A 152 -22.18 52.72 -14.44
CA ARG A 152 -21.94 54.12 -14.74
C ARG A 152 -23.12 54.99 -14.31
N ALA A 153 -24.34 54.49 -14.48
CA ALA A 153 -25.50 55.29 -14.15
C ALA A 153 -25.64 55.48 -12.64
N LYS A 154 -25.32 54.44 -11.86
CA LYS A 154 -25.37 54.60 -10.41
C LYS A 154 -24.35 55.62 -9.96
N ARG A 155 -23.14 55.58 -10.54
CA ARG A 155 -22.12 56.56 -10.17
C ARG A 155 -22.56 57.98 -10.51
N VAL A 156 -23.04 58.20 -11.73
CA VAL A 156 -23.49 59.53 -12.13
C VAL A 156 -24.65 59.98 -11.25
N ILE A 157 -25.59 59.08 -10.97
CA ILE A 157 -26.76 59.47 -10.19
C ILE A 157 -26.37 59.74 -8.75
N THR A 158 -25.43 58.96 -8.20
CA THR A 158 -24.93 59.23 -6.86
C THR A 158 -24.24 60.59 -6.79
N THR A 159 -23.63 61.01 -7.91
CA THR A 159 -22.92 62.27 -7.97
C THR A 159 -23.89 63.44 -7.96
N PHE A 160 -25.01 63.34 -8.70
CA PHE A 160 -26.05 64.35 -8.62
C PHE A 160 -26.66 64.41 -7.23
N ARG A 161 -26.65 63.29 -6.51
CA ARG A 161 -27.40 63.22 -5.26
C ARG A 161 -26.56 63.75 -4.10
N THR A 162 -25.31 63.33 -4.01
CA THR A 162 -24.46 63.73 -2.91
C THR A 162 -23.69 65.01 -3.18
N GLY A 163 -23.41 65.30 -4.44
CA GLY A 163 -22.55 66.41 -4.78
C GLY A 163 -21.08 66.16 -4.56
N THR A 164 -20.67 64.91 -4.38
CA THR A 164 -19.28 64.55 -4.12
C THR A 164 -18.79 63.61 -5.21
N TRP A 165 -17.52 63.23 -5.11
CA TRP A 165 -16.90 62.25 -5.99
C TRP A 165 -16.83 60.86 -5.35
N ASP A 166 -17.56 60.63 -4.26
CA ASP A 166 -17.34 59.42 -3.49
C ASP A 166 -17.62 58.16 -4.29
N ALA A 167 -18.60 58.20 -5.20
CA ALA A 167 -18.87 57.01 -5.98
C ALA A 167 -17.70 56.66 -6.87
N TYR A 168 -16.98 57.67 -7.36
CA TYR A 168 -15.83 57.38 -8.22
C TYR A 168 -14.61 57.00 -7.40
N ALA A 169 -14.43 57.55 -6.20
CA ALA A 169 -13.39 57.05 -5.31
C ALA A 169 -13.69 55.62 -4.88
N ALA A 170 -14.95 55.33 -4.55
CA ALA A 170 -15.30 53.98 -4.14
C ALA A 170 -15.05 52.99 -5.26
N SER A 171 -15.31 53.40 -6.50
CA SER A 171 -15.09 52.52 -7.63
C SER A 171 -13.61 52.23 -7.83
N GLN A 172 -12.79 53.29 -7.83
CA GLN A 172 -11.39 53.13 -8.23
C GLN A 172 -10.61 52.29 -7.23
N GLN A 173 -10.97 52.35 -5.96
CA GLN A 173 -10.36 51.46 -4.97
C GLN A 173 -11.01 50.08 -4.94
N TRP A 174 -12.24 49.94 -5.42
CA TRP A 174 -12.83 48.61 -5.60
C TRP A 174 -12.14 47.86 -6.72
N THR A 175 -11.86 48.53 -7.83
CA THR A 175 -11.16 47.88 -8.93
C THR A 175 -9.76 47.45 -8.52
N ALA A 176 -9.10 48.24 -7.67
CA ALA A 176 -7.75 47.89 -7.25
C ALA A 176 -7.76 46.85 -6.14
N GLY A 177 -8.59 47.06 -5.12
CA GLY A 177 -8.68 46.10 -4.03
C GLY A 177 -9.14 44.75 -4.53
N MET A 178 -10.38 44.67 -5.00
CA MET A 178 -10.91 43.38 -5.43
C MET A 178 -10.16 42.83 -6.63
N GLY A 179 -9.59 43.70 -7.47
CA GLY A 179 -8.82 43.18 -8.59
C GLY A 179 -7.61 42.41 -8.11
N LEU A 180 -6.97 42.89 -7.04
CA LEU A 180 -5.83 42.19 -6.46
C LEU A 180 -6.27 40.95 -5.71
N LEU A 181 -7.31 41.08 -4.87
CA LEU A 181 -7.72 39.93 -4.08
C LEU A 181 -8.17 38.79 -4.98
N MET A 182 -8.90 39.10 -6.05
CA MET A 182 -9.33 38.05 -6.96
C MET A 182 -8.13 37.39 -7.63
N ALA A 183 -7.10 38.18 -7.94
CA ALA A 183 -5.91 37.62 -8.54
C ALA A 183 -5.25 36.61 -7.60
N LEU A 184 -5.13 36.98 -6.32
CA LEU A 184 -4.51 36.06 -5.36
C LEU A 184 -5.35 34.81 -5.15
N ILE A 185 -6.68 34.95 -5.22
CA ILE A 185 -7.55 33.80 -4.99
C ILE A 185 -7.42 32.80 -6.13
N VAL A 186 -7.34 33.29 -7.36
CA VAL A 186 -7.19 32.37 -8.49
C VAL A 186 -5.86 31.63 -8.41
N LEU A 187 -4.80 32.29 -7.92
CA LEU A 187 -3.51 31.63 -7.84
C LEU A 187 -3.46 30.63 -6.70
N LEU A 188 -4.00 30.99 -5.54
CA LEU A 188 -3.99 30.07 -4.42
C LEU A 188 -4.79 28.81 -4.74
N ILE A 189 -5.84 28.95 -5.55
CA ILE A 189 -6.62 27.77 -5.96
C ILE A 189 -5.84 26.94 -6.98
N VAL A 190 -5.34 27.59 -8.03
CA VAL A 190 -4.62 26.86 -9.06
C VAL A 190 -3.32 26.29 -8.51
N ALA A 191 -2.68 26.99 -7.57
CA ALA A 191 -1.42 26.50 -7.03
C ALA A 191 -1.63 25.30 -6.13
N GLY A 192 -2.56 25.42 -5.17
CA GLY A 192 -2.76 24.35 -4.21
C GLY A 192 -3.31 23.09 -4.85
N ASN A 193 -4.14 23.24 -5.88
CA ASN A 193 -4.76 22.07 -6.51
C ASN A 193 -3.86 21.44 -7.56
N VAL A 194 -3.08 22.25 -8.29
CA VAL A 194 -2.12 21.67 -9.22
C VAL A 194 -1.08 20.84 -8.47
N LEU A 195 -0.71 21.28 -7.25
CA LEU A 195 0.24 20.50 -6.47
C LEU A 195 -0.39 19.20 -5.98
N VAL A 196 -1.65 19.24 -5.57
CA VAL A 196 -2.28 18.03 -5.03
C VAL A 196 -2.38 16.95 -6.11
N ILE A 197 -2.60 17.35 -7.35
CA ILE A 197 -2.76 16.36 -8.41
C ILE A 197 -1.42 15.72 -8.74
N VAL A 198 -0.37 16.54 -8.90
CA VAL A 198 0.93 15.99 -9.22
C VAL A 198 1.50 15.17 -8.07
N ALA A 199 1.19 15.55 -6.83
CA ALA A 199 1.72 14.81 -5.69
C ALA A 199 1.13 13.41 -5.63
N ILE A 200 -0.19 13.31 -5.74
CA ILE A 200 -0.82 11.99 -5.74
C ILE A 200 -0.45 11.23 -7.00
N ALA A 201 -0.26 11.94 -8.12
CA ALA A 201 -0.04 11.27 -9.40
C ALA A 201 1.35 10.64 -9.49
N LYS A 202 2.34 11.20 -8.78
CA LYS A 202 3.71 10.70 -8.89
C LYS A 202 4.36 10.48 -7.53
N THR A 203 3.57 10.24 -6.49
CA THR A 203 4.09 9.73 -5.23
C THR A 203 3.49 8.35 -5.01
N PRO A 204 4.26 7.27 -5.11
CA PRO A 204 3.67 5.94 -4.91
C PRO A 204 3.02 5.77 -3.56
N ARG A 205 3.59 6.40 -2.51
CA ARG A 205 3.00 6.28 -1.20
C ARG A 205 1.60 6.89 -1.16
N LEU A 206 1.35 7.92 -1.97
CA LEU A 206 0.08 8.63 -1.95
C LEU A 206 -0.99 8.00 -2.83
N GLN A 207 -0.67 6.98 -3.62
CA GLN A 207 -1.64 6.48 -4.58
C GLN A 207 -2.68 5.60 -3.88
N THR A 208 -3.26 6.13 -2.82
CA THR A 208 -4.34 5.47 -2.09
C THR A 208 -5.63 5.50 -2.91
N LEU A 209 -6.51 4.53 -2.64
CA LEU A 209 -7.82 4.58 -3.29
C LEU A 209 -8.58 5.85 -2.91
N THR A 210 -8.53 6.25 -1.64
CA THR A 210 -9.17 7.50 -1.24
C THR A 210 -8.53 8.68 -1.95
N ASN A 211 -7.21 8.65 -2.14
CA ASN A 211 -6.56 9.73 -2.88
C ASN A 211 -6.96 9.73 -4.34
N LEU A 212 -7.39 8.60 -4.89
CA LEU A 212 -7.95 8.63 -6.23
C LEU A 212 -9.22 9.48 -6.26
N PHE A 213 -10.00 9.45 -5.18
CA PHE A 213 -11.18 10.29 -5.10
C PHE A 213 -10.79 11.74 -4.82
N ILE A 214 -9.79 11.95 -3.97
CA ILE A 214 -9.34 13.29 -3.68
C ILE A 214 -8.78 13.96 -4.93
N MET A 215 -8.19 13.17 -5.83
CA MET A 215 -7.73 13.77 -7.08
C MET A 215 -8.91 14.22 -7.93
N SER A 216 -10.05 13.52 -7.84
CA SER A 216 -11.27 14.01 -8.47
C SER A 216 -11.74 15.31 -7.82
N LEU A 217 -11.66 15.36 -6.50
CA LEU A 217 -12.07 16.57 -5.80
C LEU A 217 -11.15 17.73 -6.14
N ALA A 218 -9.84 17.50 -6.12
CA ALA A 218 -8.90 18.54 -6.51
C ALA A 218 -9.02 18.85 -8.00
N SER A 219 -9.40 17.87 -8.81
CA SER A 219 -9.62 18.15 -10.22
C SER A 219 -10.83 19.05 -10.42
N ALA A 220 -11.85 18.94 -9.57
CA ALA A 220 -12.95 19.89 -9.64
C ALA A 220 -12.50 21.27 -9.20
N ASP A 221 -11.72 21.33 -8.12
CA ASP A 221 -11.24 22.61 -7.64
C ASP A 221 -10.36 23.30 -8.67
N LEU A 222 -9.61 22.53 -9.47
CA LEU A 222 -8.71 23.15 -10.44
C LEU A 222 -9.48 23.73 -11.62
N VAL A 223 -10.57 23.09 -12.04
CA VAL A 223 -11.39 23.71 -13.07
C VAL A 223 -12.01 25.00 -12.54
N MET A 224 -12.33 25.05 -11.25
CA MET A 224 -12.87 26.27 -10.66
C MET A 224 -11.87 27.41 -10.77
N GLY A 225 -10.59 27.14 -10.49
CA GLY A 225 -9.60 28.18 -10.52
C GLY A 225 -9.15 28.56 -11.92
N LEU A 226 -9.45 27.74 -12.91
CA LEU A 226 -9.07 28.02 -14.28
C LEU A 226 -10.20 28.62 -15.11
N LEU A 227 -11.39 28.02 -15.04
CA LEU A 227 -12.46 28.33 -15.97
C LEU A 227 -13.68 28.98 -15.35
N VAL A 228 -13.73 29.12 -14.03
CA VAL A 228 -14.94 29.61 -13.37
C VAL A 228 -14.62 30.86 -12.55
N VAL A 229 -13.85 30.67 -11.48
CA VAL A 229 -13.54 31.79 -10.58
C VAL A 229 -12.91 32.94 -11.34
N PRO A 230 -11.95 32.71 -12.24
CA PRO A 230 -11.38 33.87 -12.95
C PRO A 230 -12.42 34.68 -13.67
N PHE A 231 -13.42 34.02 -14.24
CA PHE A 231 -14.44 34.69 -15.02
C PHE A 231 -15.58 35.23 -14.17
N GLY A 232 -15.83 34.62 -13.01
CA GLY A 232 -16.76 35.21 -12.07
C GLY A 232 -16.18 36.43 -11.37
N ALA A 233 -14.85 36.48 -11.21
CA ALA A 233 -14.22 37.67 -10.64
C ALA A 233 -14.37 38.88 -11.54
N THR A 234 -14.31 38.69 -12.86
CA THR A 234 -14.49 39.83 -13.75
C THR A 234 -15.86 40.46 -13.56
N ILE A 235 -16.87 39.66 -13.24
CA ILE A 235 -18.18 40.23 -12.94
C ILE A 235 -18.14 41.02 -11.65
N VAL A 236 -17.46 40.50 -10.62
CA VAL A 236 -17.42 41.21 -9.35
C VAL A 236 -16.65 42.52 -9.49
N VAL A 237 -15.66 42.57 -10.38
CA VAL A 237 -14.79 43.72 -10.52
C VAL A 237 -15.35 44.67 -11.58
N TRP A 238 -15.47 44.16 -12.81
CA TRP A 238 -15.91 45.00 -13.93
C TRP A 238 -17.40 45.33 -13.86
N GLY A 239 -18.18 44.57 -13.11
CA GLY A 239 -19.60 44.84 -13.03
C GLY A 239 -20.41 44.35 -14.20
N ARG A 240 -19.86 43.51 -15.07
CA ARG A 240 -20.60 43.02 -16.22
C ARG A 240 -19.87 41.84 -16.86
N TRP A 241 -20.62 41.04 -17.60
CA TRP A 241 -20.07 39.94 -18.38
C TRP A 241 -19.59 40.42 -19.74
N GLU A 242 -18.33 40.11 -20.06
CA GLU A 242 -17.69 40.61 -21.27
C GLU A 242 -17.59 39.58 -22.40
N TYR A 243 -18.05 38.35 -22.20
CA TYR A 243 -17.66 37.25 -23.08
C TYR A 243 -18.79 36.71 -23.94
N GLY A 244 -19.95 37.37 -23.96
CA GLY A 244 -21.04 36.96 -24.83
C GLY A 244 -21.98 35.96 -24.18
N SER A 245 -23.13 35.78 -24.82
CA SER A 245 -24.17 34.91 -24.28
C SER A 245 -23.74 33.44 -24.28
N PHE A 246 -22.96 33.03 -25.28
CA PHE A 246 -22.62 31.61 -25.40
C PHE A 246 -21.71 31.18 -24.26
N PHE A 247 -20.61 31.90 -24.05
CA PHE A 247 -19.72 31.58 -22.96
C PHE A 247 -20.35 31.86 -21.61
N CYS A 248 -21.41 32.69 -21.57
CA CYS A 248 -22.16 32.83 -20.33
C CYS A 248 -22.79 31.51 -19.92
N GLU A 249 -23.49 30.85 -20.85
CA GLU A 249 -24.12 29.58 -20.50
C GLU A 249 -23.09 28.50 -20.24
N LEU A 250 -21.99 28.49 -21.00
CA LEU A 250 -20.98 27.46 -20.81
C LEU A 250 -20.30 27.62 -19.46
N TRP A 251 -19.94 28.85 -19.11
CA TRP A 251 -19.38 29.14 -17.80
C TRP A 251 -20.33 28.70 -16.69
N THR A 252 -21.61 29.01 -16.85
CA THR A 252 -22.60 28.63 -15.84
C THR A 252 -22.68 27.13 -15.72
N SER A 253 -22.53 26.43 -16.84
CA SER A 253 -22.67 24.98 -16.85
C SER A 253 -21.48 24.33 -16.16
N VAL A 254 -20.27 24.78 -16.49
CA VAL A 254 -19.07 24.26 -15.83
C VAL A 254 -19.10 24.58 -14.34
N ASP A 255 -19.65 25.74 -13.98
CA ASP A 255 -19.75 26.10 -12.57
C ASP A 255 -20.65 25.13 -11.82
N VAL A 256 -21.84 24.87 -12.37
CA VAL A 256 -22.73 23.89 -11.75
C VAL A 256 -22.12 22.50 -11.82
N LEU A 257 -21.39 22.19 -12.89
CA LEU A 257 -20.78 20.87 -13.00
C LEU A 257 -19.78 20.62 -11.87
N CYS A 258 -18.85 21.55 -11.66
CA CYS A 258 -17.79 21.30 -10.68
C CYS A 258 -18.34 21.19 -9.28
N VAL A 259 -19.34 22.00 -8.93
CA VAL A 259 -19.90 21.92 -7.59
C VAL A 259 -20.64 20.60 -7.42
N THR A 260 -21.37 20.17 -8.44
CA THR A 260 -22.07 18.90 -8.38
C THR A 260 -21.08 17.74 -8.29
N ALA A 261 -19.96 17.83 -9.01
CA ALA A 261 -18.98 16.76 -8.93
C ALA A 261 -18.34 16.69 -7.56
N SER A 262 -18.15 17.84 -6.90
CA SER A 262 -17.43 17.85 -5.63
C SER A 262 -18.24 17.16 -4.54
N ILE A 263 -19.48 17.59 -4.33
CA ILE A 263 -20.29 16.99 -3.27
C ILE A 263 -20.52 15.52 -3.56
N GLU A 264 -20.62 15.14 -4.84
CA GLU A 264 -20.77 13.73 -5.18
C GLU A 264 -19.49 12.95 -4.89
N THR A 265 -18.32 13.57 -5.10
CA THR A 265 -17.07 12.91 -4.75
C THR A 265 -16.95 12.75 -3.24
N LEU A 266 -17.36 13.78 -2.48
CA LEU A 266 -17.35 13.64 -1.03
C LEU A 266 -18.33 12.56 -0.57
N CYS A 267 -19.45 12.42 -1.28
CA CYS A 267 -20.41 11.40 -0.88
C CYS A 267 -19.89 10.00 -1.21
N VAL A 268 -19.23 9.85 -2.37
CA VAL A 268 -18.63 8.55 -2.69
C VAL A 268 -17.52 8.22 -1.70
N ILE A 269 -16.80 9.23 -1.22
CA ILE A 269 -15.78 8.99 -0.21
C ILE A 269 -16.43 8.48 1.08
N ALA A 270 -17.49 9.14 1.52
CA ALA A 270 -18.15 8.70 2.75
C ALA A 270 -18.72 7.30 2.59
N LEU A 271 -19.21 6.95 1.41
CA LEU A 271 -19.67 5.59 1.14
C LEU A 271 -18.51 4.61 0.97
N ASP A 272 -17.34 5.11 0.59
CA ASP A 272 -16.18 4.23 0.51
C ASP A 272 -15.65 3.89 1.88
N ARG A 273 -15.53 4.90 2.75
CA ARG A 273 -15.00 4.66 4.09
C ARG A 273 -16.03 3.96 4.97
N TYR A 274 -17.30 3.98 4.59
CA TYR A 274 -18.30 3.23 5.35
C TYR A 274 -18.27 1.75 5.02
N LEU A 275 -18.15 1.41 3.73
CA LEU A 275 -17.94 0.02 3.35
C LEU A 275 -16.59 -0.49 3.84
N ALA A 276 -15.58 0.38 3.89
CA ALA A 276 -14.25 -0.05 4.29
C ALA A 276 -14.20 -0.49 5.74
N ILE A 277 -15.02 0.10 6.60
CA ILE A 277 -14.96 -0.15 8.04
C ILE A 277 -16.10 -1.03 8.54
N THR A 278 -17.18 -1.19 7.79
CA THR A 278 -18.26 -2.08 8.22
C THR A 278 -18.12 -3.48 7.67
N SER A 279 -17.69 -3.61 6.42
CA SER A 279 -17.55 -4.91 5.76
C SER A 279 -16.22 -4.96 5.02
N PRO A 280 -15.12 -5.11 5.77
CA PRO A 280 -13.79 -5.06 5.12
C PRO A 280 -13.60 -6.10 4.03
N PHE A 281 -14.20 -7.28 4.16
CA PHE A 281 -13.93 -8.31 3.16
C PHE A 281 -14.67 -8.02 1.87
N ARG A 282 -15.89 -7.50 1.94
CA ARG A 282 -16.57 -7.04 0.73
C ARG A 282 -15.82 -5.89 0.08
N TYR A 283 -15.14 -5.07 0.90
CA TYR A 283 -14.37 -3.96 0.36
C TYR A 283 -13.22 -4.48 -0.49
N GLN A 284 -12.46 -5.44 0.03
CA GLN A 284 -11.39 -6.06 -0.75
C GLN A 284 -11.94 -6.88 -1.91
N SER A 285 -13.13 -7.45 -1.77
CA SER A 285 -13.70 -8.30 -2.81
C SER A 285 -14.25 -7.50 -3.99
N LEU A 286 -14.62 -6.24 -3.79
CA LEU A 286 -15.40 -5.48 -4.76
C LEU A 286 -14.60 -4.39 -5.46
N LEU A 287 -13.79 -3.63 -4.74
CA LEU A 287 -13.15 -2.44 -5.27
C LEU A 287 -11.79 -2.79 -5.85
N THR A 288 -11.74 -3.01 -7.16
CA THR A 288 -10.48 -3.05 -7.89
C THR A 288 -10.02 -1.63 -8.22
N ARG A 289 -8.75 -1.50 -8.59
CA ARG A 289 -8.24 -0.18 -8.96
C ARG A 289 -8.97 0.38 -10.18
N ALA A 290 -9.39 -0.48 -11.10
CA ALA A 290 -10.09 0.00 -12.30
C ALA A 290 -11.54 0.36 -12.01
N ARG A 291 -12.20 -0.37 -11.11
CA ARG A 291 -13.55 0.00 -10.71
C ARG A 291 -13.57 1.35 -10.01
N ALA A 292 -12.52 1.67 -9.25
CA ALA A 292 -12.47 2.98 -8.61
C ALA A 292 -12.40 4.09 -9.64
N ARG A 293 -11.69 3.85 -10.75
CA ARG A 293 -11.69 4.80 -11.84
C ARG A 293 -13.04 4.86 -12.54
N GLY A 294 -13.82 3.78 -12.45
CA GLY A 294 -15.16 3.82 -13.00
C GLY A 294 -16.12 4.63 -12.16
N LEU A 295 -15.96 4.62 -10.84
CA LEU A 295 -16.81 5.47 -10.01
C LEU A 295 -16.59 6.94 -10.32
N VAL A 296 -15.34 7.32 -10.58
CA VAL A 296 -15.05 8.72 -10.86
C VAL A 296 -15.75 9.15 -12.15
N CYS A 297 -15.60 8.34 -13.20
CA CYS A 297 -16.24 8.69 -14.46
C CYS A 297 -17.76 8.68 -14.33
N THR A 298 -18.30 7.78 -13.51
CA THR A 298 -19.74 7.77 -13.28
C THR A 298 -20.21 9.01 -12.53
N VAL A 299 -19.37 9.54 -11.63
CA VAL A 299 -19.77 10.72 -10.87
C VAL A 299 -19.79 11.95 -11.77
N TRP A 300 -18.73 12.14 -12.55
CA TRP A 300 -18.71 13.24 -13.50
C TRP A 300 -19.75 13.07 -14.58
N ALA A 301 -20.04 11.83 -14.95
CA ALA A 301 -21.08 11.59 -15.96
C ALA A 301 -22.44 11.97 -15.42
N ILE A 302 -22.75 11.60 -14.18
CA ILE A 302 -24.00 12.02 -13.57
C ILE A 302 -24.02 13.54 -13.39
N SER A 303 -22.86 14.12 -13.07
CA SER A 303 -22.81 15.54 -12.79
C SER A 303 -23.05 16.35 -14.07
N ALA A 304 -22.40 15.97 -15.17
CA ALA A 304 -22.64 16.66 -16.42
C ALA A 304 -24.07 16.47 -16.89
N LEU A 305 -24.66 15.30 -16.60
CA LEU A 305 -26.05 15.09 -16.99
C LEU A 305 -26.98 16.02 -16.21
N VAL A 306 -26.76 16.15 -14.90
CA VAL A 306 -27.62 16.98 -14.06
C VAL A 306 -27.28 18.45 -14.14
N SER A 307 -26.16 18.81 -14.75
CA SER A 307 -25.74 20.19 -14.88
C SER A 307 -25.91 20.67 -16.31
N PHE A 308 -25.16 20.10 -17.27
CA PHE A 308 -25.26 20.59 -18.64
C PHE A 308 -26.67 20.45 -19.18
N LEU A 309 -27.29 19.28 -19.00
CA LEU A 309 -28.55 19.01 -19.70
C LEU A 309 -29.62 20.04 -19.35
N PRO A 310 -29.95 20.29 -18.08
CA PRO A 310 -30.96 21.33 -17.80
C PRO A 310 -30.60 22.70 -18.33
N ILE A 311 -29.31 23.05 -18.32
CA ILE A 311 -28.90 24.39 -18.71
C ILE A 311 -28.96 24.57 -20.21
N LEU A 312 -28.45 23.59 -20.97
CA LEU A 312 -28.54 23.68 -22.42
C LEU A 312 -29.99 23.61 -22.90
N MET A 313 -30.87 22.96 -22.12
CA MET A 313 -32.28 22.89 -22.46
C MET A 313 -33.06 24.12 -22.01
N HIS A 314 -32.43 25.03 -21.29
CA HIS A 314 -33.08 26.24 -20.77
C HIS A 314 -34.26 25.90 -19.88
N TRP A 315 -34.20 24.74 -19.21
CA TRP A 315 -35.24 24.39 -18.25
C TRP A 315 -35.26 25.33 -17.06
N TRP A 316 -34.15 26.01 -16.80
CA TRP A 316 -34.03 26.95 -15.69
C TRP A 316 -34.72 28.29 -15.93
N ARG A 317 -35.01 28.65 -17.18
CA ARG A 317 -35.36 30.03 -17.48
C ARG A 317 -36.70 30.44 -16.89
N ALA A 318 -36.78 31.71 -16.52
CA ALA A 318 -37.94 32.35 -15.93
C ALA A 318 -38.50 33.42 -16.88
N GLU A 319 -39.71 33.89 -16.57
CA GLU A 319 -40.40 34.85 -17.41
C GLU A 319 -40.44 36.26 -16.83
N SER A 320 -39.78 36.49 -15.70
CA SER A 320 -39.88 37.79 -15.02
C SER A 320 -39.17 38.88 -15.83
N ASP A 321 -39.47 40.13 -15.46
CA ASP A 321 -38.77 41.25 -16.09
C ASP A 321 -37.27 41.17 -15.82
N GLU A 322 -36.89 40.77 -14.61
CA GLU A 322 -35.47 40.61 -14.31
C GLU A 322 -34.84 39.54 -15.18
N ALA A 323 -35.56 38.45 -15.43
CA ALA A 323 -34.98 37.33 -16.16
C ALA A 323 -34.89 37.61 -17.65
N ARG A 324 -35.96 38.11 -18.24
CA ARG A 324 -35.96 38.34 -19.68
C ARG A 324 -34.96 39.41 -20.08
N ARG A 325 -34.83 40.47 -19.29
CA ARG A 325 -33.89 41.52 -19.67
C ARG A 325 -32.44 41.05 -19.56
N CYS A 326 -32.15 40.13 -18.64
CA CYS A 326 -30.82 39.52 -18.59
C CYS A 326 -30.59 38.58 -19.78
N TYR A 327 -31.59 37.76 -20.11
CA TYR A 327 -31.42 36.79 -21.19
C TYR A 327 -31.21 37.49 -22.52
N ASN A 328 -31.75 38.70 -22.67
CA ASN A 328 -31.63 39.45 -23.90
C ASN A 328 -30.47 40.45 -23.87
N ASP A 329 -29.69 40.48 -22.80
CA ASP A 329 -28.49 41.32 -22.71
C ASP A 329 -27.26 40.45 -22.59
N PRO A 330 -26.38 40.39 -23.60
CA PRO A 330 -25.15 39.59 -23.45
C PRO A 330 -24.28 40.03 -22.30
N LYS A 331 -24.31 41.32 -21.96
CA LYS A 331 -23.53 41.81 -20.83
C LYS A 331 -24.01 41.26 -19.49
N CYS A 332 -25.26 40.79 -19.40
CA CYS A 332 -25.76 40.21 -18.17
C CYS A 332 -25.55 38.70 -18.19
N CYS A 333 -24.93 38.17 -17.13
CA CYS A 333 -24.78 36.73 -16.97
C CYS A 333 -25.21 36.31 -15.57
N ASP A 334 -26.16 37.03 -15.00
CA ASP A 334 -26.79 36.59 -13.76
C ASP A 334 -27.54 35.30 -14.01
N PHE A 335 -27.47 34.39 -13.05
CA PHE A 335 -28.13 33.09 -13.20
C PHE A 335 -29.52 33.20 -12.58
N VAL A 336 -30.40 33.87 -13.32
CA VAL A 336 -31.79 34.05 -12.91
C VAL A 336 -32.57 32.80 -13.31
N THR A 337 -33.15 32.12 -12.33
CA THR A 337 -33.81 30.85 -12.58
C THR A 337 -35.23 30.88 -12.04
N ASN A 338 -36.07 30.03 -12.62
CA ASN A 338 -37.43 29.83 -12.14
C ASN A 338 -37.40 29.12 -10.78
N ARG A 339 -38.46 29.32 -9.99
CA ARG A 339 -38.47 28.74 -8.64
C ARG A 339 -38.39 27.22 -8.67
N ALA A 340 -38.96 26.57 -9.70
CA ALA A 340 -38.92 25.12 -9.77
C ALA A 340 -37.48 24.63 -9.93
N TYR A 341 -36.75 25.19 -10.90
CA TYR A 341 -35.37 24.79 -11.11
C TYR A 341 -34.50 25.12 -9.90
N ALA A 342 -34.79 26.21 -9.21
CA ALA A 342 -33.96 26.58 -8.07
C ALA A 342 -34.01 25.53 -6.99
N ILE A 343 -35.10 24.78 -6.92
CA ILE A 343 -35.27 23.74 -5.90
C ILE A 343 -34.73 22.43 -6.43
N ALA A 344 -35.32 21.95 -7.52
CA ALA A 344 -34.98 20.61 -7.99
C ALA A 344 -33.50 20.50 -8.28
N SER A 345 -32.91 21.54 -8.87
CA SER A 345 -31.50 21.47 -9.21
C SER A 345 -30.64 21.43 -7.96
N SER A 346 -30.92 22.32 -7.01
CA SER A 346 -30.13 22.35 -5.79
C SER A 346 -30.37 21.12 -4.92
N VAL A 347 -31.52 20.46 -5.07
CA VAL A 347 -31.75 19.23 -4.33
C VAL A 347 -30.99 18.06 -4.97
N VAL A 348 -31.12 17.90 -6.29
CA VAL A 348 -30.46 16.78 -6.95
C VAL A 348 -28.94 16.94 -6.88
N SER A 349 -28.44 18.15 -7.11
CA SER A 349 -27.00 18.35 -7.15
C SER A 349 -26.35 18.54 -5.79
N PHE A 350 -27.11 18.76 -4.72
CA PHE A 350 -26.47 19.15 -3.47
C PHE A 350 -27.12 18.57 -2.22
N TYR A 351 -28.40 18.84 -1.97
CA TYR A 351 -28.96 18.42 -0.68
C TYR A 351 -28.92 16.91 -0.52
N VAL A 352 -29.31 16.17 -1.54
CA VAL A 352 -29.27 14.71 -1.43
C VAL A 352 -27.85 14.21 -1.17
N PRO A 353 -26.83 14.57 -1.97
CA PRO A 353 -25.47 14.20 -1.60
C PRO A 353 -25.03 14.73 -0.25
N LEU A 354 -25.49 15.92 0.14
CA LEU A 354 -25.07 16.47 1.42
C LEU A 354 -25.62 15.66 2.58
N CYS A 355 -26.82 15.08 2.43
CA CYS A 355 -27.42 14.32 3.52
C CYS A 355 -26.81 12.94 3.63
N ILE A 356 -26.64 12.26 2.49
CA ILE A 356 -25.99 10.97 2.48
C ILE A 356 -24.54 11.11 2.95
N MET A 357 -23.84 12.12 2.43
CA MET A 357 -22.45 12.35 2.81
C MET A 357 -22.33 12.73 4.28
N ALA A 358 -23.35 13.38 4.83
CA ALA A 358 -23.34 13.76 6.24
C ALA A 358 -23.90 12.65 7.14
N PHE A 359 -24.92 11.94 6.68
CA PHE A 359 -25.47 10.84 7.48
C PHE A 359 -24.50 9.67 7.54
N VAL A 360 -23.99 9.25 6.39
CA VAL A 360 -23.16 8.06 6.35
C VAL A 360 -21.86 8.29 7.09
N TYR A 361 -21.23 9.45 6.90
CA TYR A 361 -19.93 9.68 7.51
C TYR A 361 -20.01 9.86 9.02
N LEU A 362 -21.16 10.24 9.55
CA LEU A 362 -21.30 10.27 11.01
C LEU A 362 -21.39 8.86 11.57
N ARG A 363 -22.13 7.97 10.90
CA ARG A 363 -22.14 6.57 11.33
C ARG A 363 -20.77 5.94 11.16
N VAL A 364 -19.98 6.41 10.19
CA VAL A 364 -18.59 5.99 10.10
C VAL A 364 -17.80 6.53 11.30
N PHE A 365 -17.98 7.81 11.62
CA PHE A 365 -17.17 8.43 12.65
C PHE A 365 -17.49 7.88 14.04
N ARG A 366 -18.70 7.33 14.23
CA ARG A 366 -19.05 6.74 15.52
C ARG A 366 -18.61 5.30 15.65
N GLU A 367 -18.62 4.52 14.56
CA GLU A 367 -18.18 3.14 14.65
C GLU A 367 -16.69 3.04 14.98
N ALA A 368 -15.90 4.05 14.60
CA ALA A 368 -14.50 4.07 14.97
C ALA A 368 -14.33 4.21 16.47
N GLN A 369 -15.21 4.98 17.12
CA GLN A 369 -15.21 5.04 18.58
C GLN A 369 -15.71 3.73 19.19
N LYS A 370 -16.62 3.05 18.49
CA LYS A 370 -17.16 1.79 19.00
C LYS A 370 -16.10 0.69 19.01
N GLN A 371 -15.09 0.80 18.14
CA GLN A 371 -14.07 -0.21 18.01
C GLN A 371 -12.74 0.19 18.62
N VAL A 372 -12.64 1.34 19.29
CA VAL A 372 -11.39 1.78 19.90
C VAL A 372 -11.69 2.44 21.23
N LYS A 373 -12.15 1.66 22.21
CA LYS A 373 -12.29 2.14 23.58
C LYS A 373 -10.97 1.89 24.33
N LYS A 374 -9.97 2.71 23.99
CA LYS A 374 -8.63 2.56 24.56
C LYS A 374 -7.90 3.89 24.45
N ILE A 375 -6.87 4.03 25.28
CA ILE A 375 -5.90 5.12 25.16
C ILE A 375 -4.71 4.61 24.36
N ASP A 376 -4.26 5.40 23.39
CA ASP A 376 -3.18 4.96 22.51
C ASP A 376 -2.56 6.17 21.82
N SER A 377 -1.25 6.06 21.53
CA SER A 377 -0.54 7.07 20.76
C SER A 377 -0.56 6.78 19.26
N VAL A 378 -0.46 5.51 18.87
CA VAL A 378 -0.57 5.15 17.46
C VAL A 378 -2.00 5.31 16.96
N ALA A 379 -2.99 5.27 17.85
CA ALA A 379 -4.36 5.55 17.43
C ALA A 379 -4.50 6.98 16.92
N LEU A 380 -3.70 7.91 17.46
CA LEU A 380 -3.73 9.28 16.96
C LEU A 380 -3.29 9.35 15.50
N ARG A 381 -2.44 8.41 15.07
CA ARG A 381 -2.06 8.37 13.67
C ARG A 381 -3.25 8.04 12.77
N GLU A 382 -4.24 7.29 13.28
CA GLU A 382 -5.40 6.93 12.47
C GLU A 382 -6.62 7.78 12.75
N GLN A 383 -6.77 8.32 13.96
CA GLN A 383 -7.79 9.35 14.18
C GLN A 383 -7.51 10.59 13.36
N LYS A 384 -6.24 10.87 13.08
CA LYS A 384 -5.89 12.06 12.32
C LYS A 384 -6.32 11.91 10.86
N ALA A 385 -6.03 10.76 10.25
CA ALA A 385 -6.41 10.56 8.85
C ALA A 385 -7.92 10.54 8.69
N LEU A 386 -8.64 9.99 9.67
CA LEU A 386 -10.10 10.01 9.61
C LEU A 386 -10.64 11.42 9.86
N LYS A 387 -9.98 12.18 10.74
CA LYS A 387 -10.42 13.55 10.99
C LYS A 387 -10.26 14.42 9.76
N THR A 388 -9.25 14.16 8.92
CA THR A 388 -9.06 14.97 7.72
C THR A 388 -10.24 14.84 6.78
N LEU A 389 -10.79 13.62 6.65
CA LEU A 389 -11.97 13.43 5.80
C LEU A 389 -13.18 14.13 6.38
N GLY A 390 -13.30 14.21 7.70
CA GLY A 390 -14.40 14.92 8.30
C GLY A 390 -14.26 16.43 8.29
N ILE A 391 -13.02 16.93 8.19
CA ILE A 391 -12.82 18.37 8.04
C ILE A 391 -13.18 18.81 6.63
N ILE A 392 -12.73 18.06 5.62
CA ILE A 392 -13.02 18.43 4.24
C ILE A 392 -14.53 18.41 4.00
N MET A 393 -15.21 17.41 4.56
CA MET A 393 -16.66 17.36 4.43
C MET A 393 -17.31 18.50 5.20
N GLY A 394 -16.72 18.92 6.32
CA GLY A 394 -17.28 20.01 7.08
C GLY A 394 -17.05 21.36 6.42
N VAL A 395 -15.82 21.61 5.99
CA VAL A 395 -15.51 22.88 5.35
C VAL A 395 -16.31 23.04 4.07
N PHE A 396 -16.58 21.94 3.36
CA PHE A 396 -17.42 22.06 2.18
C PHE A 396 -18.84 22.46 2.56
N THR A 397 -19.39 21.84 3.61
CA THR A 397 -20.74 22.19 4.01
C THR A 397 -20.82 23.63 4.50
N LEU A 398 -19.75 24.13 5.13
CA LEU A 398 -19.77 25.51 5.58
C LEU A 398 -19.67 26.47 4.41
N CYS A 399 -18.76 26.19 3.48
CA CYS A 399 -18.56 27.11 2.37
C CYS A 399 -19.76 27.18 1.43
N TRP A 400 -20.57 26.12 1.36
CA TRP A 400 -21.64 26.04 0.39
C TRP A 400 -23.03 25.93 0.96
N LEU A 401 -23.21 25.48 2.20
CA LEU A 401 -24.57 25.40 2.74
C LEU A 401 -25.26 26.76 2.76
N PRO A 402 -24.62 27.85 3.19
CA PRO A 402 -25.32 29.14 3.14
C PRO A 402 -25.78 29.53 1.74
N PHE A 403 -24.99 29.22 0.71
CA PHE A 403 -25.39 29.57 -0.65
C PHE A 403 -26.63 28.81 -1.09
N PHE A 404 -26.81 27.58 -0.62
CA PHE A 404 -27.95 26.77 -1.04
C PHE A 404 -29.15 26.93 -0.13
N LEU A 405 -28.96 27.31 1.13
CA LEU A 405 -30.11 27.68 1.94
C LEU A 405 -30.70 29.01 1.48
N ALA A 406 -29.84 29.99 1.17
CA ALA A 406 -30.34 31.22 0.59
C ALA A 406 -30.99 30.96 -0.77
N ASN A 407 -30.48 29.99 -1.52
CA ASN A 407 -31.04 29.71 -2.83
C ASN A 407 -32.47 29.20 -2.76
N VAL A 408 -32.82 28.47 -1.69
CA VAL A 408 -34.20 28.01 -1.53
C VAL A 408 -35.06 29.07 -0.84
N VAL A 409 -34.47 29.84 0.09
CA VAL A 409 -35.19 30.99 0.65
C VAL A 409 -35.44 32.02 -0.44
N LYS A 410 -34.47 32.21 -1.34
CA LYS A 410 -34.63 33.14 -2.44
C LYS A 410 -35.77 32.71 -3.36
N ALA A 411 -36.01 31.41 -3.46
CA ALA A 411 -36.99 30.91 -4.41
C ALA A 411 -38.40 31.24 -3.97
N PHE A 412 -38.74 30.93 -2.71
CA PHE A 412 -40.09 31.22 -2.23
C PHE A 412 -40.31 32.73 -2.12
N HIS A 413 -39.36 33.43 -1.52
CA HIS A 413 -39.50 34.84 -1.20
C HIS A 413 -38.18 35.52 -1.52
N ARG A 414 -38.11 36.18 -2.68
CA ARG A 414 -36.88 36.89 -3.01
C ARG A 414 -36.61 38.04 -2.07
N GLU A 415 -37.61 38.40 -1.26
CA GLU A 415 -37.49 39.57 -0.39
C GLU A 415 -36.28 39.47 0.52
N LEU A 416 -35.92 38.25 0.94
CA LEU A 416 -35.04 38.07 2.08
C LEU A 416 -33.56 38.08 1.77
N VAL A 417 -33.15 37.77 0.53
CA VAL A 417 -31.73 37.67 0.22
C VAL A 417 -31.36 38.83 -0.70
N PRO A 418 -30.59 39.82 -0.22
CA PRO A 418 -30.05 40.84 -1.12
C PRO A 418 -29.10 40.21 -2.13
N ASP A 419 -29.10 40.76 -3.34
CA ASP A 419 -28.16 40.27 -4.33
C ASP A 419 -26.72 40.47 -3.87
N ARG A 420 -26.47 41.48 -3.04
CA ARG A 420 -25.14 41.61 -2.45
C ARG A 420 -24.81 40.41 -1.57
N LEU A 421 -25.80 39.92 -0.81
CA LEU A 421 -25.55 38.82 0.11
C LEU A 421 -25.42 37.50 -0.63
N PHE A 422 -26.29 37.25 -1.60
CA PHE A 422 -26.26 36.00 -2.32
C PHE A 422 -24.95 35.84 -3.08
N VAL A 423 -24.42 36.94 -3.63
CA VAL A 423 -23.13 36.87 -4.29
C VAL A 423 -22.03 36.57 -3.30
N PHE A 424 -22.16 37.03 -2.05
CA PHE A 424 -21.12 36.75 -1.08
C PHE A 424 -21.12 35.28 -0.66
N PHE A 425 -22.32 34.69 -0.48
CA PHE A 425 -22.38 33.27 -0.19
C PHE A 425 -21.83 32.44 -1.34
N ASN A 426 -21.98 32.92 -2.58
CA ASN A 426 -21.43 32.20 -3.72
C ASN A 426 -19.92 32.23 -3.71
N TRP A 427 -19.31 33.30 -3.21
CA TRP A 427 -17.86 33.35 -3.13
C TRP A 427 -17.31 32.68 -1.90
N LEU A 428 -18.15 32.44 -0.89
CA LEU A 428 -17.75 31.55 0.19
C LEU A 428 -17.56 30.14 -0.33
N GLY A 429 -18.39 29.72 -1.29
CA GLY A 429 -18.24 28.41 -1.88
C GLY A 429 -17.10 28.33 -2.87
N TYR A 430 -16.82 29.43 -3.59
CA TYR A 430 -15.63 29.45 -4.43
C TYR A 430 -14.37 29.31 -3.61
N ALA A 431 -14.39 29.86 -2.38
CA ALA A 431 -13.22 29.80 -1.51
C ALA A 431 -12.88 28.37 -1.12
N ASN A 432 -13.86 27.47 -1.12
CA ASN A 432 -13.58 26.08 -0.79
C ASN A 432 -12.54 25.48 -1.72
N SER A 433 -12.47 25.94 -2.96
CA SER A 433 -11.46 25.43 -3.88
C SER A 433 -10.04 25.76 -3.38
N ALA A 434 -9.90 26.79 -2.55
CA ALA A 434 -8.63 27.12 -1.94
C ALA A 434 -8.37 26.32 -0.65
N PHE A 435 -9.36 26.14 0.14
CA PHE A 435 -9.12 25.47 1.36
C PHE A 435 -8.63 24.04 1.27
N ASN A 436 -9.15 23.30 0.34
CA ASN A 436 -8.86 21.87 0.31
C ASN A 436 -7.37 21.57 0.28
N PRO A 437 -6.56 22.17 -0.60
CA PRO A 437 -5.13 21.86 -0.58
C PRO A 437 -4.49 22.18 0.75
N ILE A 438 -4.97 23.21 1.45
CA ILE A 438 -4.45 23.50 2.78
C ILE A 438 -4.82 22.37 3.74
N ILE A 439 -6.05 21.86 3.64
CA ILE A 439 -6.46 20.77 4.54
C ILE A 439 -5.72 19.48 4.20
N TYR A 440 -5.31 19.32 2.94
CA TYR A 440 -4.61 18.10 2.56
C TYR A 440 -3.22 18.04 3.18
N CYS A 441 -2.69 19.17 3.64
CA CYS A 441 -1.41 19.20 4.34
C CYS A 441 -1.54 18.77 5.78
N ARG A 442 -2.76 18.50 6.27
CA ARG A 442 -2.89 18.02 7.64
C ARG A 442 -2.24 16.66 7.82
N SER A 443 -2.32 15.78 6.80
CA SER A 443 -1.77 14.43 6.91
C SER A 443 -0.26 14.44 6.64
N PRO A 444 0.53 13.67 7.40
CA PRO A 444 1.98 13.68 7.20
C PRO A 444 2.43 13.28 5.80
N ASP A 445 1.71 12.38 5.14
CA ASP A 445 2.18 11.87 3.85
C ASP A 445 2.14 12.95 2.78
N PHE A 446 1.04 13.71 2.71
CA PHE A 446 1.02 14.86 1.81
C PHE A 446 2.05 15.90 2.23
N ARG A 447 2.27 16.06 3.54
CA ARG A 447 3.15 17.11 4.02
C ARG A 447 4.56 16.96 3.46
N LYS A 448 5.16 15.78 3.64
CA LYS A 448 6.48 15.54 3.08
C LYS A 448 6.43 15.46 1.56
N ALA A 449 5.27 15.17 0.98
CA ALA A 449 5.14 15.14 -0.47
C ALA A 449 5.17 16.56 -1.06
N PHE A 450 4.43 17.49 -0.45
CA PHE A 450 4.51 18.87 -0.91
C PHE A 450 5.90 19.45 -0.70
N GLN A 451 6.53 19.10 0.42
CA GLN A 451 7.82 19.69 0.76
C GLN A 451 8.93 19.23 -0.19
N GLY A 452 8.82 18.01 -0.72
CA GLY A 452 9.82 17.53 -1.66
C GLY A 452 9.67 18.11 -3.04
N LEU A 453 8.43 18.36 -3.48
CA LEU A 453 8.20 18.89 -4.82
C LEU A 453 8.58 20.36 -4.95
N LEU A 454 8.65 21.09 -3.84
CA LEU A 454 8.93 22.52 -3.88
C LEU A 454 10.42 22.85 -3.75
N CYS A 455 11.17 22.05 -3.00
CA CYS A 455 12.60 22.31 -2.81
C CYS A 455 12.86 23.73 -2.32
N ASP B 5 40.48 -61.51 -8.39
CA ASP B 5 39.38 -60.99 -9.18
C ASP B 5 38.04 -61.46 -8.63
N ASP B 6 38.07 -62.46 -7.74
CA ASP B 6 36.86 -62.96 -7.10
C ASP B 6 36.62 -62.37 -5.71
N ASP B 7 37.58 -61.62 -5.16
CA ASP B 7 37.51 -61.15 -3.78
C ASP B 7 36.67 -59.89 -3.63
N ALA B 8 35.84 -59.56 -4.62
CA ALA B 8 35.01 -58.37 -4.53
C ALA B 8 34.06 -58.42 -3.34
N ASN B 9 33.65 -59.61 -2.92
CA ASN B 9 32.64 -59.72 -1.87
C ASN B 9 33.16 -59.18 -0.55
N ILE B 10 34.30 -59.68 -0.10
CA ILE B 10 34.77 -59.27 1.23
C ILE B 10 35.18 -57.81 1.23
N PHE B 11 35.62 -57.28 0.09
CA PHE B 11 35.92 -55.85 -0.01
C PHE B 11 34.68 -55.01 0.28
N GLU B 12 33.56 -55.32 -0.38
CA GLU B 12 32.34 -54.55 -0.16
C GLU B 12 31.79 -54.74 1.25
N MET B 13 31.98 -55.92 1.83
CA MET B 13 31.57 -56.14 3.21
C MET B 13 32.26 -55.16 4.15
N LEU B 14 33.60 -55.16 4.13
CA LEU B 14 34.32 -54.31 5.07
C LEU B 14 34.12 -52.84 4.74
N ARG B 15 33.96 -52.51 3.45
CA ARG B 15 33.68 -51.13 3.07
C ARG B 15 32.41 -50.63 3.76
N ILE B 16 31.37 -51.47 3.80
CA ILE B 16 30.14 -51.10 4.49
C ILE B 16 30.38 -50.90 5.98
N ASP B 17 31.28 -51.69 6.57
CA ASP B 17 31.50 -51.64 8.00
C ASP B 17 32.55 -50.63 8.41
N GLU B 18 33.55 -50.39 7.56
CA GLU B 18 34.68 -49.56 7.93
C GLU B 18 34.94 -48.40 7.00
N GLY B 19 34.24 -48.30 5.87
CA GLY B 19 34.36 -47.16 5.00
C GLY B 19 35.56 -47.28 4.09
N LEU B 20 35.63 -46.33 3.16
CA LEU B 20 36.73 -46.26 2.19
C LEU B 20 37.17 -44.80 2.09
N ARG B 21 38.49 -44.60 2.09
CA ARG B 21 39.06 -43.26 1.98
C ARG B 21 40.33 -43.37 1.16
N LEU B 22 40.38 -42.68 0.01
CA LEU B 22 41.55 -42.70 -0.85
C LEU B 22 42.61 -41.68 -0.42
N LYS B 23 42.27 -40.78 0.49
CA LYS B 23 43.19 -39.83 1.09
C LYS B 23 43.60 -40.33 2.45
N ILE B 24 44.88 -40.16 2.81
CA ILE B 24 45.30 -40.52 4.15
C ILE B 24 44.49 -39.72 5.16
N TYR B 25 44.09 -40.38 6.23
CA TYR B 25 43.28 -39.78 7.28
C TYR B 25 43.72 -40.38 8.61
N LYS B 26 43.23 -39.81 9.69
CA LYS B 26 43.47 -40.33 11.02
C LYS B 26 42.16 -40.91 11.56
N ASP B 27 42.26 -42.04 12.26
CA ASP B 27 41.07 -42.71 12.77
C ASP B 27 40.59 -42.03 14.05
N THR B 28 39.51 -42.56 14.62
CA THR B 28 38.96 -41.97 15.83
C THR B 28 39.97 -41.93 16.97
N GLU B 29 40.96 -42.82 16.96
CA GLU B 29 42.06 -42.80 17.92
C GLU B 29 43.29 -42.05 17.41
N GLY B 30 43.19 -41.39 16.25
CA GLY B 30 44.26 -40.56 15.72
C GLY B 30 45.32 -41.29 14.92
N TYR B 31 45.14 -42.56 14.63
CA TYR B 31 46.15 -43.33 13.93
C TYR B 31 46.06 -43.10 12.43
N TYR B 32 47.21 -43.10 11.76
CA TYR B 32 47.25 -42.93 10.31
C TYR B 32 46.71 -44.15 9.58
N THR B 33 45.92 -43.90 8.54
CA THR B 33 45.11 -44.93 7.90
C THR B 33 44.83 -44.52 6.47
N ILE B 34 44.49 -45.50 5.63
CA ILE B 34 44.05 -45.23 4.28
C ILE B 34 43.20 -46.40 3.81
N GLY B 35 42.41 -46.17 2.76
CA GLY B 35 41.59 -47.24 2.21
C GLY B 35 40.55 -47.72 3.18
N ILE B 36 40.40 -49.04 3.27
CA ILE B 36 39.46 -49.66 4.19
C ILE B 36 40.19 -49.97 5.49
N GLY B 37 40.49 -48.94 6.27
CA GLY B 37 41.08 -49.16 7.58
C GLY B 37 42.44 -49.79 7.54
N HIS B 38 43.20 -49.58 6.47
CA HIS B 38 44.58 -50.04 6.42
C HIS B 38 45.41 -49.18 7.35
N LEU B 39 45.84 -49.74 8.48
CA LEU B 39 46.61 -48.95 9.44
C LEU B 39 48.03 -48.76 8.90
N LEU B 40 48.39 -47.50 8.62
CA LEU B 40 49.72 -47.23 8.11
C LEU B 40 50.75 -47.34 9.22
N THR B 41 50.55 -46.62 10.33
CA THR B 41 51.54 -46.59 11.39
C THR B 41 50.93 -45.92 12.61
N LYS B 42 51.42 -46.32 13.78
CA LYS B 42 51.12 -45.61 15.02
C LYS B 42 52.02 -44.40 15.22
N SER B 43 53.01 -44.21 14.35
CA SER B 43 53.94 -43.09 14.46
C SER B 43 53.24 -41.76 14.24
N PRO B 44 53.47 -40.74 15.09
CA PRO B 44 52.85 -39.42 14.85
C PRO B 44 53.22 -38.78 13.52
N SER B 45 54.43 -39.01 13.01
CA SER B 45 54.87 -38.33 11.80
C SER B 45 54.11 -38.83 10.58
N LEU B 46 53.67 -37.89 9.74
CA LEU B 46 53.07 -38.28 8.47
C LEU B 46 54.09 -38.90 7.54
N ASN B 47 55.35 -38.52 7.64
CA ASN B 47 56.36 -39.07 6.75
C ASN B 47 56.55 -40.57 6.97
N ALA B 48 56.43 -41.03 8.22
CA ALA B 48 56.47 -42.47 8.47
C ALA B 48 55.28 -43.19 7.86
N ALA B 49 54.12 -42.52 7.83
CA ALA B 49 52.97 -43.07 7.12
C ALA B 49 53.18 -43.05 5.63
N LYS B 50 53.78 -41.97 5.11
CA LYS B 50 54.08 -41.91 3.68
C LYS B 50 55.05 -43.01 3.28
N SER B 51 55.99 -43.34 4.17
CA SER B 51 57.01 -44.32 3.83
C SER B 51 56.44 -45.73 3.82
N GLU B 52 55.63 -46.07 4.83
CA GLU B 52 54.97 -47.36 4.83
C GLU B 52 53.94 -47.47 3.71
N LEU B 53 53.29 -46.35 3.36
CA LEU B 53 52.38 -46.37 2.23
C LEU B 53 53.13 -46.52 0.91
N ASP B 54 54.26 -45.84 0.76
CA ASP B 54 55.03 -45.93 -0.47
C ASP B 54 55.62 -47.33 -0.65
N LYS B 55 55.91 -48.04 0.46
CA LYS B 55 56.46 -49.39 0.34
C LYS B 55 55.41 -50.39 -0.13
N ALA B 56 54.17 -50.24 0.32
CA ALA B 56 53.14 -51.24 0.01
C ALA B 56 52.64 -51.08 -1.41
N ILE B 57 52.36 -49.84 -1.84
CA ILE B 57 51.89 -49.62 -3.19
C ILE B 57 53.00 -49.80 -4.21
N GLY B 58 54.26 -49.66 -3.80
CA GLY B 58 55.38 -49.77 -4.73
C GLY B 58 55.66 -48.52 -5.53
N ARG B 59 55.06 -47.38 -5.18
CA ARG B 59 55.27 -46.12 -5.88
C ARG B 59 55.19 -44.99 -4.86
N ASN B 60 55.53 -43.79 -5.34
CA ASN B 60 55.58 -42.58 -4.52
C ASN B 60 54.16 -42.03 -4.39
N THR B 61 53.40 -42.65 -3.48
CA THR B 61 51.98 -42.33 -3.38
C THR B 61 51.74 -40.88 -2.98
N ASN B 62 52.63 -40.31 -2.16
CA ASN B 62 52.46 -38.95 -1.64
C ASN B 62 51.13 -38.80 -0.89
N GLY B 63 50.63 -39.90 -0.32
CA GLY B 63 49.44 -39.86 0.51
C GLY B 63 48.11 -39.97 -0.21
N VAL B 64 48.10 -40.21 -1.52
CA VAL B 64 46.86 -40.38 -2.28
C VAL B 64 46.97 -41.63 -3.13
N ILE B 65 45.87 -42.38 -3.22
CA ILE B 65 45.87 -43.68 -3.89
C ILE B 65 44.61 -43.83 -4.73
N THR B 66 44.70 -44.72 -5.70
CA THR B 66 43.58 -45.16 -6.52
C THR B 66 42.74 -46.18 -5.78
N LYS B 67 41.47 -46.30 -6.19
CA LYS B 67 40.60 -47.31 -5.60
C LYS B 67 41.16 -48.73 -5.80
N ASP B 68 41.85 -48.96 -6.91
CA ASP B 68 42.47 -50.27 -7.09
C ASP B 68 43.55 -50.51 -6.05
N GLU B 69 44.36 -49.50 -5.77
CA GLU B 69 45.37 -49.62 -4.73
C GLU B 69 44.74 -49.79 -3.36
N ALA B 70 43.60 -49.15 -3.11
CA ALA B 70 42.91 -49.35 -1.84
C ALA B 70 42.47 -50.80 -1.70
N GLU B 71 42.08 -51.44 -2.81
CA GLU B 71 41.76 -52.86 -2.78
C GLU B 71 43.02 -53.71 -2.73
N LYS B 72 44.09 -53.27 -3.39
CA LYS B 72 45.36 -53.97 -3.27
C LYS B 72 45.87 -53.97 -1.84
N LEU B 73 45.69 -52.86 -1.12
CA LEU B 73 46.02 -52.87 0.29
C LEU B 73 45.09 -53.79 1.06
N PHE B 74 43.80 -53.78 0.70
CA PHE B 74 42.83 -54.56 1.45
C PHE B 74 43.13 -56.05 1.34
N ASN B 75 43.58 -56.51 0.17
CA ASN B 75 43.91 -57.92 0.04
C ASN B 75 45.13 -58.28 0.87
N GLN B 76 46.05 -57.34 1.05
CA GLN B 76 47.20 -57.58 1.92
C GLN B 76 46.75 -57.77 3.36
N ASP B 77 45.82 -56.94 3.83
CA ASP B 77 45.30 -57.10 5.17
C ASP B 77 44.49 -58.38 5.30
N VAL B 78 43.80 -58.80 4.24
CA VAL B 78 43.05 -60.05 4.33
C VAL B 78 44.02 -61.23 4.47
N ASP B 79 45.10 -61.23 3.68
CA ASP B 79 46.08 -62.31 3.80
C ASP B 79 46.69 -62.34 5.20
N ALA B 80 46.92 -61.15 5.80
CA ALA B 80 47.50 -61.13 7.13
C ALA B 80 46.51 -61.66 8.17
N ALA B 81 45.23 -61.30 8.03
CA ALA B 81 44.23 -61.84 8.94
C ALA B 81 44.12 -63.35 8.79
N VAL B 82 44.26 -63.86 7.56
CA VAL B 82 44.16 -65.30 7.37
C VAL B 82 45.32 -66.01 8.05
N ARG B 83 46.54 -65.54 7.80
CA ARG B 83 47.67 -66.29 8.33
C ARG B 83 47.73 -66.19 9.85
N GLY B 84 47.21 -65.10 10.43
CA GLY B 84 47.10 -65.03 11.88
C GLY B 84 45.99 -65.90 12.45
N ILE B 85 44.86 -66.00 11.71
CA ILE B 85 43.81 -66.92 12.11
C ILE B 85 44.36 -68.35 12.13
N LEU B 86 45.13 -68.71 11.11
CA LEU B 86 45.67 -70.05 11.03
C LEU B 86 46.71 -70.30 12.12
N ARG B 87 47.30 -69.26 12.68
CA ARG B 87 48.32 -69.47 13.70
C ARG B 87 47.73 -69.40 15.11
N ASN B 88 46.46 -69.07 15.25
CA ASN B 88 45.79 -69.06 16.56
C ASN B 88 45.03 -70.35 16.71
N ALA B 89 45.33 -71.10 17.79
CA ALA B 89 44.88 -72.48 17.90
C ALA B 89 43.37 -72.61 18.08
N LYS B 90 42.71 -71.61 18.66
CA LYS B 90 41.26 -71.69 18.79
C LYS B 90 40.57 -71.32 17.48
N LEU B 91 41.19 -70.46 16.69
CA LEU B 91 40.56 -69.98 15.46
C LEU B 91 40.83 -70.87 14.26
N LYS B 92 41.98 -71.52 14.20
CA LYS B 92 42.33 -72.29 13.02
C LYS B 92 41.33 -73.41 12.70
N PRO B 93 40.98 -74.31 13.63
CA PRO B 93 39.97 -75.33 13.30
C PRO B 93 38.63 -74.75 12.90
N VAL B 94 38.21 -73.63 13.49
CA VAL B 94 36.95 -73.00 13.10
C VAL B 94 37.04 -72.48 11.67
N TYR B 95 38.11 -71.73 11.36
CA TYR B 95 38.25 -71.20 10.01
C TYR B 95 38.31 -72.30 8.97
N ASP B 96 39.04 -73.39 9.26
CA ASP B 96 39.17 -74.47 8.29
C ASP B 96 37.84 -75.12 7.98
N SER B 97 36.91 -75.11 8.94
CA SER B 97 35.59 -75.68 8.71
C SER B 97 34.64 -74.69 8.06
N LEU B 98 34.83 -73.40 8.25
CA LEU B 98 33.86 -72.47 7.73
C LEU B 98 33.87 -72.45 6.20
N ASP B 99 32.68 -72.28 5.64
CA ASP B 99 32.54 -71.91 4.24
C ASP B 99 33.03 -70.48 4.03
N ALA B 100 33.25 -70.14 2.77
CA ALA B 100 33.88 -68.86 2.44
C ALA B 100 33.10 -67.66 2.97
N VAL B 101 31.76 -67.69 2.88
CA VAL B 101 30.99 -66.54 3.31
C VAL B 101 31.14 -66.32 4.81
N ARG B 102 31.18 -67.41 5.58
CA ARG B 102 31.32 -67.25 7.02
C ARG B 102 32.77 -67.01 7.41
N ARG B 103 33.71 -67.41 6.56
CA ARG B 103 35.09 -66.99 6.74
C ARG B 103 35.22 -65.48 6.62
N ALA B 104 34.45 -64.88 5.72
CA ALA B 104 34.47 -63.43 5.62
C ALA B 104 33.97 -62.79 6.89
N ALA B 105 32.93 -63.36 7.50
CA ALA B 105 32.43 -62.80 8.75
C ALA B 105 33.47 -62.95 9.85
N LEU B 106 34.23 -64.04 9.83
CA LEU B 106 35.27 -64.26 10.83
C LEU B 106 36.45 -63.32 10.62
N ILE B 107 36.84 -63.11 9.37
CA ILE B 107 37.89 -62.17 9.04
C ILE B 107 37.47 -60.77 9.46
N ASN B 108 36.20 -60.44 9.23
CA ASN B 108 35.67 -59.13 9.57
C ASN B 108 35.78 -58.87 11.06
N MET B 109 35.49 -59.88 11.89
CA MET B 109 35.70 -59.71 13.32
C MET B 109 37.19 -59.50 13.63
N VAL B 110 38.07 -60.19 12.91
CA VAL B 110 39.50 -60.04 13.16
C VAL B 110 39.97 -58.63 12.80
N PHE B 111 39.38 -58.00 11.79
CA PHE B 111 39.70 -56.60 11.50
C PHE B 111 39.26 -55.68 12.64
N GLN B 112 38.17 -56.01 13.31
CA GLN B 112 37.62 -55.09 14.30
C GLN B 112 38.25 -55.26 15.67
N MET B 113 38.62 -56.50 16.03
CA MET B 113 39.01 -56.80 17.39
C MET B 113 40.28 -57.64 17.47
N GLY B 114 40.89 -58.01 16.36
CA GLY B 114 42.09 -58.80 16.37
C GLY B 114 41.84 -60.27 16.71
N GLU B 115 42.83 -61.10 16.38
CA GLU B 115 42.68 -62.54 16.57
C GLU B 115 42.43 -62.89 18.02
N THR B 116 43.13 -62.21 18.94
CA THR B 116 43.00 -62.54 20.35
C THR B 116 41.60 -62.27 20.88
N GLY B 117 40.95 -61.21 20.41
CA GLY B 117 39.60 -60.95 20.87
C GLY B 117 38.59 -61.91 20.30
N VAL B 118 38.74 -62.30 19.03
CA VAL B 118 37.80 -63.26 18.47
C VAL B 118 37.91 -64.57 19.21
N ALA B 119 39.12 -64.94 19.62
CA ALA B 119 39.41 -66.21 20.26
C ALA B 119 38.85 -66.29 21.67
N GLY B 120 38.42 -65.17 22.25
CA GLY B 120 37.76 -65.20 23.53
C GLY B 120 36.34 -65.70 23.47
N PHE B 121 35.75 -65.74 22.28
CA PHE B 121 34.43 -66.34 22.09
C PHE B 121 34.57 -67.86 22.02
N THR B 122 34.98 -68.43 23.15
CA THR B 122 35.44 -69.81 23.16
C THR B 122 34.34 -70.78 22.75
N ASN B 123 33.17 -70.71 23.40
CA ASN B 123 32.12 -71.67 23.10
C ASN B 123 31.38 -71.33 21.80
N SER B 124 31.27 -70.04 21.47
CA SER B 124 30.68 -69.68 20.19
C SER B 124 31.50 -70.23 19.04
N LEU B 125 32.83 -70.14 19.15
CA LEU B 125 33.68 -70.64 18.08
C LEU B 125 33.48 -72.13 17.89
N ARG B 126 33.29 -72.85 18.99
CA ARG B 126 32.98 -74.27 18.92
C ARG B 126 31.63 -74.52 18.27
N MET B 127 30.66 -73.62 18.49
CA MET B 127 29.37 -73.75 17.81
C MET B 127 29.50 -73.50 16.32
N LEU B 128 30.35 -72.54 15.93
CA LEU B 128 30.57 -72.33 14.51
C LEU B 128 31.27 -73.53 13.90
N GLN B 129 32.22 -74.12 14.63
CA GLN B 129 32.92 -75.26 14.06
C GLN B 129 31.96 -76.39 13.76
N GLN B 130 30.99 -76.59 14.64
CA GLN B 130 29.99 -77.64 14.54
C GLN B 130 28.79 -77.26 13.68
N LYS B 131 28.80 -76.07 13.08
CA LYS B 131 27.73 -75.59 12.22
C LYS B 131 26.41 -75.45 12.96
N ARG B 132 26.52 -75.13 14.26
CA ARG B 132 25.36 -74.84 15.11
C ARG B 132 25.10 -73.33 15.12
N TRP B 133 24.66 -72.85 13.96
CA TRP B 133 24.68 -71.42 13.69
C TRP B 133 23.78 -70.63 14.64
N ASP B 134 22.67 -71.21 15.07
CA ASP B 134 21.77 -70.46 15.94
C ASP B 134 22.38 -70.23 17.32
N GLU B 135 23.03 -71.26 17.86
CA GLU B 135 23.60 -71.12 19.19
C GLU B 135 24.77 -70.16 19.20
N ALA B 136 25.55 -70.15 18.11
CA ALA B 136 26.65 -69.20 17.99
C ALA B 136 26.13 -67.78 17.87
N ALA B 137 25.07 -67.58 17.08
CA ALA B 137 24.55 -66.22 16.89
C ALA B 137 24.07 -65.61 18.21
N VAL B 138 23.45 -66.41 19.08
CA VAL B 138 22.93 -65.89 20.34
C VAL B 138 24.08 -65.48 21.26
N ASN B 139 25.13 -66.29 21.33
CA ASN B 139 26.23 -65.99 22.25
C ASN B 139 27.09 -64.85 21.72
N LEU B 140 27.33 -64.81 20.40
CA LEU B 140 28.10 -63.72 19.81
C LEU B 140 27.45 -62.37 20.07
N ALA B 141 26.12 -62.32 20.10
CA ALA B 141 25.42 -61.06 20.33
C ALA B 141 25.35 -60.68 21.80
N LYS B 142 25.63 -61.61 22.71
CA LYS B 142 25.74 -61.31 24.14
C LYS B 142 27.18 -60.87 24.42
N SER B 143 27.47 -59.61 24.09
CA SER B 143 28.86 -59.20 24.08
C SER B 143 28.95 -57.68 24.12
N ARG B 144 30.04 -57.21 24.74
CA ARG B 144 30.30 -55.77 24.71
C ARG B 144 30.52 -55.29 23.28
N TRP B 145 31.06 -56.15 22.44
CA TRP B 145 31.16 -55.85 21.01
C TRP B 145 29.80 -55.47 20.42
N TYR B 146 28.77 -56.28 20.67
CA TYR B 146 27.46 -55.99 20.11
C TYR B 146 26.92 -54.67 20.62
N ASN B 147 27.08 -54.40 21.93
CA ASN B 147 26.55 -53.16 22.49
C ASN B 147 27.23 -51.92 21.92
N GLN B 148 28.49 -52.03 21.53
CA GLN B 148 29.17 -50.82 21.08
C GLN B 148 28.95 -50.58 19.59
N THR B 149 28.88 -51.64 18.78
CA THR B 149 28.61 -51.52 17.34
C THR B 149 27.49 -52.48 16.95
N PRO B 150 26.27 -52.23 17.44
CA PRO B 150 25.16 -53.16 17.15
C PRO B 150 24.86 -53.36 15.67
N ASN B 151 24.97 -52.32 14.85
CA ASN B 151 24.65 -52.50 13.43
C ASN B 151 25.68 -53.38 12.74
N ARG B 152 26.96 -53.09 12.94
CA ARG B 152 27.99 -53.94 12.37
C ARG B 152 27.94 -55.34 12.96
N ALA B 153 27.69 -55.44 14.26
CA ALA B 153 27.67 -56.77 14.85
C ALA B 153 26.50 -57.58 14.29
N LYS B 154 25.34 -56.95 14.10
CA LYS B 154 24.19 -57.69 13.62
C LYS B 154 24.38 -58.14 12.17
N ARG B 155 25.02 -57.31 11.35
CA ARG B 155 25.36 -57.77 10.00
C ARG B 155 26.32 -58.96 10.03
N VAL B 156 27.31 -58.92 10.91
CA VAL B 156 28.27 -59.99 10.97
C VAL B 156 27.63 -61.26 11.52
N ILE B 157 26.84 -61.12 12.58
CA ILE B 157 26.18 -62.29 13.18
C ILE B 157 25.13 -62.85 12.23
N THR B 158 24.42 -61.98 11.50
CA THR B 158 23.46 -62.50 10.54
C THR B 158 24.16 -63.27 9.43
N THR B 159 25.35 -62.83 9.06
CA THR B 159 26.12 -63.55 8.05
C THR B 159 26.55 -64.91 8.57
N PHE B 160 26.88 -65.01 9.86
CA PHE B 160 27.20 -66.32 10.42
C PHE B 160 25.99 -67.23 10.42
N ARG B 161 24.84 -66.70 10.84
CA ARG B 161 23.66 -67.54 11.01
C ARG B 161 23.14 -68.05 9.68
N THR B 162 23.18 -67.23 8.63
CA THR B 162 22.61 -67.59 7.35
C THR B 162 23.63 -68.11 6.35
N GLY B 163 24.87 -67.66 6.41
CA GLY B 163 25.82 -68.03 5.37
C GLY B 163 25.63 -67.29 4.07
N THR B 164 24.87 -66.18 4.04
CA THR B 164 24.62 -65.41 2.83
C THR B 164 25.01 -63.95 3.05
N TRP B 165 25.04 -63.19 1.96
CA TRP B 165 25.37 -61.77 1.99
C TRP B 165 24.16 -60.88 2.21
N ASP B 166 22.99 -61.45 2.49
CA ASP B 166 21.77 -60.66 2.46
C ASP B 166 21.83 -59.49 3.43
N ALA B 167 22.46 -59.68 4.59
CA ALA B 167 22.46 -58.58 5.57
C ALA B 167 23.23 -57.38 5.03
N TYR B 168 24.29 -57.62 4.27
CA TYR B 168 25.04 -56.53 3.66
C TYR B 168 24.36 -56.00 2.40
N ALA B 169 23.73 -56.87 1.60
CA ALA B 169 22.98 -56.39 0.45
C ALA B 169 21.83 -55.48 0.89
N ALA B 170 21.14 -55.85 1.96
CA ALA B 170 20.05 -55.02 2.47
C ALA B 170 20.56 -53.70 3.01
N SER B 171 21.76 -53.69 3.59
CA SER B 171 22.28 -52.44 4.14
C SER B 171 22.59 -51.47 3.02
N GLN B 172 23.28 -51.93 1.98
CA GLN B 172 23.61 -51.05 0.86
C GLN B 172 22.35 -50.53 0.19
N GLN B 173 21.33 -51.37 0.03
CA GLN B 173 20.08 -50.91 -0.55
C GLN B 173 19.43 -49.85 0.33
N TRP B 174 19.58 -49.97 1.65
CA TRP B 174 18.93 -49.02 2.55
C TRP B 174 19.68 -47.69 2.57
N THR B 175 21.00 -47.72 2.78
CA THR B 175 21.74 -46.47 2.90
C THR B 175 21.70 -45.69 1.61
N ALA B 176 21.72 -46.38 0.47
CA ALA B 176 21.70 -45.67 -0.80
C ALA B 176 20.30 -45.11 -1.09
N GLY B 177 19.26 -45.92 -0.87
CA GLY B 177 17.92 -45.51 -1.24
C GLY B 177 17.28 -44.52 -0.29
N MET B 178 17.60 -44.61 1.01
CA MET B 178 17.20 -43.57 1.94
C MET B 178 18.17 -42.41 1.97
N GLY B 179 19.33 -42.55 1.32
CA GLY B 179 20.26 -41.45 1.23
C GLY B 179 19.73 -40.37 0.32
N LEU B 180 19.55 -40.70 -0.96
CA LEU B 180 19.05 -39.70 -1.89
C LEU B 180 17.65 -39.23 -1.49
N LEU B 181 16.84 -40.12 -0.91
CA LEU B 181 15.50 -39.70 -0.51
C LEU B 181 15.59 -38.57 0.51
N MET B 182 16.35 -38.79 1.59
CA MET B 182 16.51 -37.74 2.58
C MET B 182 17.20 -36.53 1.99
N ALA B 183 18.14 -36.75 1.07
CA ALA B 183 18.84 -35.63 0.47
C ALA B 183 17.90 -34.79 -0.40
N LEU B 184 17.00 -35.45 -1.12
CA LEU B 184 16.00 -34.70 -1.87
C LEU B 184 15.04 -33.98 -0.95
N ILE B 185 14.74 -34.56 0.21
CA ILE B 185 13.78 -33.93 1.12
C ILE B 185 14.36 -32.67 1.72
N VAL B 186 15.59 -32.75 2.25
CA VAL B 186 16.22 -31.55 2.78
C VAL B 186 16.46 -30.54 1.67
N LEU B 187 16.73 -31.01 0.46
CA LEU B 187 16.91 -30.09 -0.65
C LEU B 187 15.61 -29.36 -0.96
N LEU B 188 14.49 -30.08 -0.97
CA LEU B 188 13.22 -29.42 -1.29
C LEU B 188 12.85 -28.40 -0.23
N ILE B 189 13.19 -28.65 1.04
CA ILE B 189 12.83 -27.72 2.10
C ILE B 189 13.65 -26.44 2.00
N VAL B 190 14.98 -26.58 1.91
CA VAL B 190 15.82 -25.39 1.88
C VAL B 190 15.61 -24.61 0.60
N ALA B 191 15.28 -25.28 -0.50
CA ALA B 191 15.07 -24.57 -1.75
C ALA B 191 13.84 -23.67 -1.67
N GLY B 192 12.72 -24.22 -1.21
CA GLY B 192 11.49 -23.45 -1.18
C GLY B 192 11.52 -22.34 -0.15
N ASN B 193 11.80 -22.69 1.10
CA ASN B 193 11.74 -21.69 2.17
C ASN B 193 12.79 -20.60 1.98
N VAL B 194 13.95 -20.93 1.40
CA VAL B 194 14.86 -19.89 0.98
C VAL B 194 14.30 -19.13 -0.21
N LEU B 195 13.66 -19.85 -1.14
CA LEU B 195 13.05 -19.19 -2.29
C LEU B 195 11.89 -18.30 -1.86
N VAL B 196 11.21 -18.66 -0.77
CA VAL B 196 10.09 -17.85 -0.31
C VAL B 196 10.59 -16.64 0.47
N ILE B 197 11.58 -16.82 1.35
CA ILE B 197 12.04 -15.72 2.17
C ILE B 197 12.72 -14.65 1.31
N VAL B 198 13.34 -15.04 0.20
CA VAL B 198 13.95 -14.04 -0.68
C VAL B 198 12.88 -13.32 -1.48
N ALA B 199 11.85 -14.04 -1.94
CA ALA B 199 10.82 -13.43 -2.78
C ALA B 199 10.05 -12.36 -2.03
N ILE B 200 9.87 -12.52 -0.71
CA ILE B 200 9.21 -11.48 0.08
C ILE B 200 10.09 -10.24 0.23
N ALA B 201 11.41 -10.38 0.12
CA ALA B 201 12.29 -9.24 0.28
C ALA B 201 12.41 -8.42 -1.00
N LYS B 202 12.51 -9.08 -2.15
CA LYS B 202 12.73 -8.42 -3.42
C LYS B 202 11.46 -7.95 -4.11
N THR B 203 10.28 -8.27 -3.59
CA THR B 203 9.02 -7.90 -4.24
C THR B 203 8.22 -6.95 -3.36
N PRO B 204 8.02 -5.69 -3.75
CA PRO B 204 7.16 -4.80 -2.94
C PRO B 204 5.73 -5.30 -2.80
N ARG B 205 5.20 -5.99 -3.82
CA ARG B 205 3.79 -6.38 -3.80
C ARG B 205 3.47 -7.34 -2.66
N LEU B 206 4.46 -8.09 -2.17
CA LEU B 206 4.25 -9.08 -1.12
C LEU B 206 4.72 -8.63 0.25
N GLN B 207 5.21 -7.40 0.39
CA GLN B 207 5.69 -6.91 1.69
C GLN B 207 4.50 -6.40 2.49
N THR B 208 3.76 -7.35 3.06
CA THR B 208 2.55 -7.07 3.81
C THR B 208 2.65 -7.71 5.19
N LEU B 209 1.78 -7.28 6.09
CA LEU B 209 1.85 -7.77 7.46
C LEU B 209 1.58 -9.27 7.53
N THR B 210 0.64 -9.77 6.70
CA THR B 210 0.38 -11.21 6.73
C THR B 210 1.55 -11.98 6.14
N ASN B 211 2.08 -11.53 5.00
CA ASN B 211 3.27 -12.15 4.45
C ASN B 211 4.46 -12.00 5.37
N LEU B 212 4.46 -10.99 6.24
CA LEU B 212 5.50 -10.90 7.26
C LEU B 212 5.39 -12.05 8.24
N PHE B 213 4.17 -12.45 8.59
CA PHE B 213 3.98 -13.66 9.39
C PHE B 213 4.40 -14.91 8.62
N ILE B 214 4.19 -14.90 7.30
CA ILE B 214 4.60 -16.04 6.48
C ILE B 214 6.11 -16.20 6.50
N MET B 215 6.84 -15.09 6.64
CA MET B 215 8.29 -15.21 6.75
C MET B 215 8.69 -15.91 8.04
N SER B 216 7.87 -15.79 9.09
CA SER B 216 8.14 -16.54 10.31
C SER B 216 7.97 -18.03 10.08
N LEU B 217 6.88 -18.42 9.41
CA LEU B 217 6.68 -19.82 9.08
C LEU B 217 7.74 -20.30 8.09
N ALA B 218 8.12 -19.46 7.14
CA ALA B 218 9.16 -19.85 6.19
C ALA B 218 10.51 -19.99 6.89
N SER B 219 10.73 -19.27 7.97
CA SER B 219 11.98 -19.42 8.73
C SER B 219 11.93 -20.64 9.64
N ALA B 220 10.79 -20.88 10.31
CA ALA B 220 10.70 -22.05 11.18
C ALA B 220 10.83 -23.34 10.37
N ASP B 221 10.44 -23.31 9.10
CA ASP B 221 10.63 -24.46 8.24
C ASP B 221 12.08 -24.55 7.75
N LEU B 222 12.68 -23.41 7.43
CA LEU B 222 14.05 -23.42 6.93
C LEU B 222 15.04 -23.88 8.00
N VAL B 223 14.75 -23.63 9.27
CA VAL B 223 15.61 -24.16 10.32
C VAL B 223 15.58 -25.68 10.29
N MET B 224 14.42 -26.25 10.00
CA MET B 224 14.35 -27.71 9.92
C MET B 224 14.98 -28.24 8.65
N GLY B 225 15.04 -27.44 7.59
CA GLY B 225 15.70 -27.89 6.38
C GLY B 225 17.20 -27.76 6.41
N LEU B 226 17.74 -27.10 7.42
CA LEU B 226 19.17 -26.86 7.53
C LEU B 226 19.83 -27.59 8.68
N LEU B 227 19.26 -27.51 9.89
CA LEU B 227 19.89 -28.10 11.06
C LEU B 227 18.93 -28.96 11.84
N VAL B 228 17.98 -29.61 11.17
CA VAL B 228 17.13 -30.58 11.84
C VAL B 228 16.96 -31.81 10.96
N VAL B 229 16.22 -31.66 9.87
CA VAL B 229 15.96 -32.80 8.98
C VAL B 229 17.27 -33.39 8.47
N PRO B 230 18.27 -32.61 8.05
CA PRO B 230 19.50 -33.24 7.54
C PRO B 230 20.16 -34.17 8.54
N PHE B 231 20.08 -33.87 9.83
CA PHE B 231 20.62 -34.75 10.85
C PHE B 231 19.58 -35.68 11.43
N GLY B 232 18.30 -35.38 11.28
CA GLY B 232 17.29 -36.37 11.60
C GLY B 232 17.25 -37.51 10.60
N ALA B 233 17.73 -37.25 9.38
CA ALA B 233 17.91 -38.33 8.42
C ALA B 233 19.00 -39.30 8.87
N THR B 234 20.03 -38.79 9.56
CA THR B 234 21.13 -39.64 9.95
C THR B 234 20.70 -40.72 10.95
N ILE B 235 19.76 -40.39 11.85
CA ILE B 235 19.24 -41.43 12.75
C ILE B 235 18.46 -42.47 11.96
N VAL B 236 17.88 -42.08 10.82
CA VAL B 236 17.13 -43.03 10.01
C VAL B 236 18.09 -43.93 9.23
N VAL B 237 19.08 -43.34 8.56
CA VAL B 237 19.97 -44.12 7.71
C VAL B 237 20.94 -44.96 8.53
N TRP B 238 21.17 -44.62 9.80
CA TRP B 238 22.27 -45.18 10.57
C TRP B 238 21.82 -45.68 11.95
N GLY B 239 20.53 -45.89 12.15
CA GLY B 239 20.05 -46.57 13.33
C GLY B 239 20.02 -45.73 14.58
N ARG B 240 21.03 -44.90 14.78
CA ARG B 240 21.15 -44.14 16.01
C ARG B 240 21.99 -42.90 15.75
N TRP B 241 21.72 -41.85 16.53
CA TRP B 241 22.41 -40.59 16.34
C TRP B 241 23.89 -40.71 16.72
N GLU B 242 24.73 -40.01 15.97
CA GLU B 242 26.17 -40.10 16.08
C GLU B 242 26.83 -38.81 16.57
N TYR B 243 26.04 -37.79 16.92
CA TYR B 243 26.56 -36.44 17.17
C TYR B 243 26.67 -36.10 18.65
N GLY B 244 26.44 -37.04 19.55
CA GLY B 244 26.68 -36.85 20.96
C GLY B 244 25.45 -36.37 21.71
N SER B 245 25.45 -36.62 23.02
CA SER B 245 24.30 -36.28 23.84
C SER B 245 24.06 -34.78 23.89
N PHE B 246 25.11 -33.97 23.76
CA PHE B 246 24.93 -32.53 23.85
C PHE B 246 24.26 -31.98 22.60
N PHE B 247 24.73 -32.39 21.42
CA PHE B 247 24.14 -31.91 20.18
C PHE B 247 22.73 -32.44 19.96
N CYS B 248 22.36 -33.56 20.60
CA CYS B 248 21.02 -34.09 20.38
C CYS B 248 19.95 -33.30 21.13
N GLU B 249 20.21 -32.91 22.38
CA GLU B 249 19.27 -32.00 23.04
C GLU B 249 19.34 -30.59 22.48
N LEU B 250 20.45 -30.22 21.83
CA LEU B 250 20.42 -29.05 20.96
C LEU B 250 19.57 -29.33 19.73
N TRP B 251 19.77 -30.49 19.11
CA TRP B 251 18.93 -30.89 17.98
C TRP B 251 17.48 -31.10 18.40
N THR B 252 17.26 -31.56 19.63
CA THR B 252 15.90 -31.90 20.06
C THR B 252 15.09 -30.66 20.43
N SER B 253 15.66 -29.80 21.26
CA SER B 253 14.97 -28.58 21.64
C SER B 253 14.75 -27.66 20.44
N VAL B 254 15.70 -27.65 19.49
CA VAL B 254 15.51 -26.87 18.27
C VAL B 254 14.46 -27.53 17.37
N ASP B 255 14.45 -28.86 17.33
CA ASP B 255 13.41 -29.56 16.56
C ASP B 255 12.04 -29.34 17.20
N VAL B 256 12.00 -29.10 18.50
CA VAL B 256 10.76 -28.73 19.18
C VAL B 256 10.51 -27.23 19.13
N LEU B 257 11.56 -26.42 19.07
CA LEU B 257 11.38 -24.97 18.98
C LEU B 257 10.67 -24.57 17.69
N CYS B 258 11.08 -25.17 16.58
CA CYS B 258 10.50 -24.79 15.29
C CYS B 258 9.04 -25.20 15.20
N VAL B 259 8.64 -26.27 15.89
CA VAL B 259 7.25 -26.71 15.82
C VAL B 259 6.35 -25.80 16.64
N THR B 260 6.76 -25.49 17.87
CA THR B 260 5.92 -24.63 18.71
C THR B 260 5.80 -23.24 18.10
N ALA B 261 6.88 -22.75 17.48
CA ALA B 261 6.83 -21.45 16.83
C ALA B 261 5.90 -21.46 15.62
N SER B 262 5.82 -22.60 14.92
CA SER B 262 5.02 -22.65 13.70
C SER B 262 3.53 -22.74 14.03
N ILE B 263 3.15 -23.62 14.95
CA ILE B 263 1.74 -23.77 15.27
C ILE B 263 1.18 -22.49 15.88
N GLU B 264 2.02 -21.72 16.57
CA GLU B 264 1.56 -20.45 17.12
C GLU B 264 1.57 -19.35 16.08
N THR B 265 2.57 -19.32 15.20
CA THR B 265 2.57 -18.33 14.13
C THR B 265 1.35 -18.48 13.24
N LEU B 266 0.96 -19.72 12.94
CA LEU B 266 -0.27 -19.92 12.17
C LEU B 266 -1.50 -19.49 12.96
N CYS B 267 -1.48 -19.69 14.28
CA CYS B 267 -2.60 -19.23 15.10
C CYS B 267 -2.63 -17.72 15.19
N VAL B 268 -1.47 -17.07 15.17
CA VAL B 268 -1.45 -15.60 15.13
C VAL B 268 -2.06 -15.10 13.83
N ILE B 269 -1.85 -15.82 12.73
CA ILE B 269 -2.43 -15.40 11.45
C ILE B 269 -3.95 -15.49 11.49
N ALA B 270 -4.51 -16.49 12.20
CA ALA B 270 -5.96 -16.54 12.35
C ALA B 270 -6.46 -15.37 13.18
N LEU B 271 -5.63 -14.84 14.07
CA LEU B 271 -5.99 -13.65 14.82
C LEU B 271 -5.85 -12.39 13.97
N ASP B 272 -4.77 -12.30 13.19
CA ASP B 272 -4.59 -11.15 12.31
C ASP B 272 -5.75 -11.02 11.34
N ARG B 273 -6.15 -12.13 10.72
CA ARG B 273 -7.24 -12.08 9.77
C ARG B 273 -8.59 -11.95 10.46
N TYR B 274 -8.67 -12.27 11.76
CA TYR B 274 -9.93 -12.10 12.47
C TYR B 274 -10.15 -10.64 12.86
N LEU B 275 -9.12 -9.98 13.40
CA LEU B 275 -9.26 -8.56 13.69
C LEU B 275 -9.44 -7.74 12.42
N ALA B 276 -8.79 -8.14 11.33
CA ALA B 276 -8.92 -7.40 10.09
C ALA B 276 -10.32 -7.50 9.49
N ILE B 277 -11.07 -8.56 9.82
CA ILE B 277 -12.36 -8.79 9.18
C ILE B 277 -13.51 -8.32 10.06
N THR B 278 -13.32 -8.24 11.37
CA THR B 278 -14.39 -7.86 12.28
C THR B 278 -14.23 -6.47 12.90
N SER B 279 -13.11 -5.80 12.69
CA SER B 279 -12.94 -4.46 13.24
C SER B 279 -11.81 -3.75 12.49
N PRO B 280 -12.02 -3.41 11.22
CA PRO B 280 -10.90 -2.87 10.42
C PRO B 280 -10.29 -1.62 10.99
N PHE B 281 -11.09 -0.73 11.59
CA PHE B 281 -10.49 0.46 12.19
C PHE B 281 -9.68 0.08 13.43
N ARG B 282 -10.10 -0.97 14.14
CA ARG B 282 -9.29 -1.49 15.23
C ARG B 282 -7.98 -2.06 14.70
N TYR B 283 -8.04 -2.72 13.54
CA TYR B 283 -6.83 -3.27 12.93
C TYR B 283 -5.89 -2.17 12.45
N GLN B 284 -6.43 -1.01 12.06
CA GLN B 284 -5.60 0.05 11.50
C GLN B 284 -4.95 0.90 12.57
N SER B 285 -5.68 1.19 13.65
CA SER B 285 -5.13 2.01 14.72
C SER B 285 -4.03 1.29 15.50
N LEU B 286 -4.14 -0.04 15.51
CA LEU B 286 -3.22 -0.82 16.34
C LEU B 286 -1.99 -1.28 15.57
N LEU B 287 -2.19 -2.05 14.50
CA LEU B 287 -1.08 -2.70 13.81
C LEU B 287 -0.13 -1.68 13.20
N THR B 288 1.16 -2.00 13.26
CA THR B 288 2.22 -1.16 12.72
C THR B 288 3.28 -2.10 12.15
N ARG B 289 3.98 -1.63 11.11
CA ARG B 289 5.11 -2.41 10.62
C ARG B 289 6.17 -2.60 11.68
N ALA B 290 6.35 -1.61 12.57
CA ALA B 290 7.24 -1.79 13.71
C ALA B 290 6.70 -2.82 14.70
N ARG B 291 5.37 -2.93 14.83
CA ARG B 291 4.80 -3.79 15.86
C ARG B 291 4.70 -5.25 15.38
N ALA B 292 4.37 -5.47 14.11
CA ALA B 292 4.37 -6.83 13.58
C ALA B 292 5.77 -7.42 13.57
N ARG B 293 6.80 -6.57 13.46
CA ARG B 293 8.18 -7.00 13.53
C ARG B 293 8.65 -7.25 14.96
N GLY B 294 7.82 -6.91 15.95
CA GLY B 294 8.09 -7.29 17.32
C GLY B 294 7.28 -8.50 17.76
N LEU B 295 6.09 -8.56 17.10
CA LEU B 295 5.28 -9.73 17.46
C LEU B 295 5.91 -11.03 17.00
N VAL B 296 6.63 -11.02 15.87
CA VAL B 296 7.26 -12.25 15.40
C VAL B 296 8.36 -12.68 16.37
N CYS B 297 9.07 -11.70 16.94
CA CYS B 297 10.03 -12.01 17.99
C CYS B 297 9.34 -12.40 19.28
N THR B 298 8.08 -11.99 19.46
CA THR B 298 7.33 -12.40 20.65
C THR B 298 7.06 -13.90 20.63
N VAL B 299 6.55 -14.42 19.50
CA VAL B 299 6.24 -15.84 19.44
C VAL B 299 7.52 -16.68 19.46
N TRP B 300 8.63 -16.17 18.93
CA TRP B 300 9.89 -16.88 19.07
C TRP B 300 10.32 -16.93 20.53
N ALA B 301 10.39 -15.77 21.18
CA ALA B 301 10.82 -15.72 22.57
C ALA B 301 9.85 -16.45 23.48
N ILE B 302 8.56 -16.48 23.14
CA ILE B 302 7.62 -17.30 23.87
C ILE B 302 7.98 -18.76 23.61
N SER B 303 7.83 -19.20 22.35
CA SER B 303 7.91 -20.63 22.06
C SER B 303 9.23 -21.23 22.52
N ALA B 304 10.32 -20.46 22.51
CA ALA B 304 11.59 -21.00 22.95
C ALA B 304 11.62 -21.22 24.46
N LEU B 305 11.14 -20.20 25.29
CA LEU B 305 11.11 -20.36 26.73
C LEU B 305 9.97 -21.28 27.19
N VAL B 306 8.97 -21.49 26.34
CA VAL B 306 7.95 -22.50 26.62
C VAL B 306 8.54 -23.91 26.60
N SER B 307 9.59 -24.14 25.79
CA SER B 307 10.08 -25.50 25.60
C SER B 307 11.60 -25.62 25.44
N PHE B 308 12.31 -24.66 24.84
CA PHE B 308 13.74 -24.81 24.62
C PHE B 308 14.52 -24.94 25.92
N LEU B 309 14.05 -24.27 26.99
CA LEU B 309 14.72 -24.35 28.28
C LEU B 309 14.11 -25.40 29.21
N PRO B 310 12.85 -25.67 29.19
CA PRO B 310 12.32 -26.79 29.97
C PRO B 310 12.96 -28.12 29.62
N ILE B 311 13.37 -28.33 28.36
CA ILE B 311 14.15 -29.51 28.03
C ILE B 311 15.51 -29.47 28.73
N LEU B 312 16.09 -28.28 28.90
CA LEU B 312 17.31 -28.16 29.69
C LEU B 312 17.04 -28.43 31.16
N MET B 313 15.83 -28.14 31.63
CA MET B 313 15.45 -28.42 33.01
C MET B 313 15.03 -29.87 33.22
N HIS B 314 14.92 -30.66 32.15
CA HIS B 314 14.59 -32.08 32.25
C HIS B 314 13.24 -32.30 32.94
N TRP B 315 12.24 -31.54 32.50
CA TRP B 315 10.88 -31.76 32.97
C TRP B 315 10.32 -33.09 32.48
N TRP B 316 10.92 -33.66 31.45
CA TRP B 316 10.50 -34.94 30.86
C TRP B 316 11.25 -36.12 31.47
N ARG B 317 11.65 -36.03 32.74
CA ARG B 317 12.46 -37.05 33.41
C ARG B 317 11.53 -38.06 34.07
N ALA B 318 11.11 -39.07 33.31
CA ALA B 318 10.36 -40.20 33.85
C ALA B 318 11.35 -41.27 34.27
N GLU B 319 11.67 -41.32 35.56
CA GLU B 319 12.58 -42.34 36.06
C GLU B 319 11.88 -43.71 36.03
N SER B 320 12.10 -44.46 34.96
CA SER B 320 11.42 -45.73 34.74
C SER B 320 12.45 -46.83 34.47
N ASP B 321 11.94 -48.07 34.39
CA ASP B 321 12.82 -49.23 34.33
C ASP B 321 13.65 -49.26 33.05
N GLU B 322 13.15 -48.69 31.96
CA GLU B 322 13.82 -48.78 30.66
C GLU B 322 14.31 -47.45 30.11
N ALA B 323 13.65 -46.34 30.45
CA ALA B 323 14.06 -45.05 29.90
C ALA B 323 15.46 -44.67 30.33
N ARG B 324 15.89 -45.11 31.51
CA ARG B 324 17.23 -44.75 31.99
C ARG B 324 18.30 -45.31 31.08
N ARG B 325 18.02 -46.41 30.39
CA ARG B 325 19.03 -47.03 29.53
C ARG B 325 19.40 -46.10 28.37
N CYS B 326 18.39 -45.55 27.68
CA CYS B 326 18.68 -44.72 26.51
C CYS B 326 19.44 -43.45 26.89
N TYR B 327 19.14 -42.88 28.05
CA TYR B 327 19.84 -41.67 28.47
C TYR B 327 21.32 -41.94 28.69
N ASN B 328 21.67 -43.14 29.16
CA ASN B 328 23.06 -43.46 29.42
C ASN B 328 23.88 -43.52 28.13
N ASP B 329 23.25 -43.87 27.00
CA ASP B 329 23.99 -44.06 25.76
C ASP B 329 24.07 -42.74 25.00
N PRO B 330 25.27 -42.23 24.69
CA PRO B 330 25.34 -40.98 23.92
C PRO B 330 24.66 -41.05 22.55
N LYS B 331 24.68 -42.22 21.90
CA LYS B 331 24.14 -42.35 20.56
C LYS B 331 22.63 -42.56 20.53
N CYS B 332 22.00 -42.81 21.68
CA CYS B 332 20.55 -42.95 21.74
C CYS B 332 19.95 -41.57 21.99
N CYS B 333 19.60 -40.88 20.90
CA CYS B 333 19.01 -39.55 20.96
C CYS B 333 17.50 -39.60 20.88
N ASP B 334 16.89 -40.77 21.05
CA ASP B 334 15.44 -40.87 21.02
C ASP B 334 14.84 -40.02 22.12
N PHE B 335 13.74 -39.34 21.80
CA PHE B 335 13.12 -38.40 22.74
C PHE B 335 11.99 -39.07 23.52
N VAL B 336 12.34 -40.18 24.18
CA VAL B 336 11.42 -40.78 25.13
C VAL B 336 11.20 -39.80 26.27
N THR B 337 9.96 -39.71 26.75
CA THR B 337 9.59 -38.70 27.71
C THR B 337 8.47 -39.21 28.60
N ASN B 338 8.27 -38.52 29.72
CA ASN B 338 7.26 -38.92 30.69
C ASN B 338 5.87 -38.90 30.05
N ARG B 339 5.04 -39.87 30.44
CA ARG B 339 3.65 -39.88 29.98
C ARG B 339 2.91 -38.65 30.47
N ALA B 340 3.22 -38.19 31.69
CA ALA B 340 2.63 -36.96 32.19
C ALA B 340 3.14 -35.74 31.44
N TYR B 341 4.37 -35.81 30.93
CA TYR B 341 4.96 -34.66 30.25
C TYR B 341 4.32 -34.44 28.88
N ALA B 342 4.26 -35.49 28.07
CA ALA B 342 3.67 -35.37 26.73
C ALA B 342 2.18 -35.08 26.80
N ILE B 343 1.48 -35.61 27.81
CA ILE B 343 0.05 -35.38 27.91
C ILE B 343 -0.24 -33.90 28.20
N ALA B 344 0.59 -33.27 29.02
CA ALA B 344 0.41 -31.87 29.35
C ALA B 344 1.13 -30.93 28.37
N SER B 345 2.36 -31.26 27.99
CA SER B 345 3.09 -30.38 27.07
C SER B 345 2.42 -30.32 25.70
N SER B 346 1.79 -31.42 25.27
CA SER B 346 1.11 -31.38 23.98
C SER B 346 -0.09 -30.44 23.99
N VAL B 347 -0.79 -30.33 25.12
CA VAL B 347 -1.90 -29.37 25.17
C VAL B 347 -1.41 -27.96 25.46
N VAL B 348 -0.23 -27.82 26.09
CA VAL B 348 0.34 -26.50 26.37
C VAL B 348 1.12 -25.92 25.20
N SER B 349 1.42 -26.73 24.17
CA SER B 349 2.25 -26.24 23.08
C SER B 349 1.61 -26.52 21.71
N PHE B 350 0.80 -27.57 21.63
CA PHE B 350 0.14 -27.94 20.38
C PHE B 350 -1.34 -27.56 20.35
N TYR B 351 -2.10 -27.93 21.40
CA TYR B 351 -3.52 -27.63 21.42
C TYR B 351 -3.82 -26.19 21.85
N VAL B 352 -2.86 -25.47 22.42
CA VAL B 352 -3.06 -24.04 22.64
C VAL B 352 -3.36 -23.33 21.33
N PRO B 353 -2.60 -23.53 20.25
CA PRO B 353 -3.00 -22.94 18.98
C PRO B 353 -4.00 -23.79 18.21
N LEU B 354 -3.87 -25.11 18.29
CA LEU B 354 -4.71 -25.97 17.46
C LEU B 354 -6.19 -25.73 17.74
N CYS B 355 -6.53 -25.43 18.99
CA CYS B 355 -7.92 -25.14 19.32
C CYS B 355 -8.27 -23.69 19.00
N ILE B 356 -7.38 -22.74 19.33
CA ILE B 356 -7.61 -21.36 18.95
C ILE B 356 -7.59 -21.21 17.43
N MET B 357 -6.72 -21.95 16.75
CA MET B 357 -6.62 -21.80 15.31
C MET B 357 -7.92 -22.20 14.62
N ALA B 358 -8.52 -23.30 15.03
CA ALA B 358 -9.74 -23.76 14.39
C ALA B 358 -10.90 -22.84 14.71
N PHE B 359 -11.12 -22.56 16.01
CA PHE B 359 -12.26 -21.74 16.40
C PHE B 359 -12.14 -20.32 15.86
N VAL B 360 -10.92 -19.79 15.77
CA VAL B 360 -10.75 -18.42 15.30
C VAL B 360 -10.91 -18.35 13.79
N TYR B 361 -10.21 -19.20 13.05
CA TYR B 361 -10.19 -19.03 11.60
C TYR B 361 -11.47 -19.56 10.95
N LEU B 362 -12.13 -20.56 11.54
CA LEU B 362 -13.41 -20.98 10.98
C LEU B 362 -14.43 -19.86 11.08
N ARG B 363 -14.36 -19.05 12.14
CA ARG B 363 -15.26 -17.92 12.27
C ARG B 363 -14.96 -16.88 11.19
N VAL B 364 -13.68 -16.69 10.86
CA VAL B 364 -13.31 -15.74 9.81
C VAL B 364 -13.83 -16.22 8.46
N PHE B 365 -13.79 -17.54 8.21
CA PHE B 365 -14.26 -18.02 6.93
C PHE B 365 -15.77 -17.89 6.80
N ARG B 366 -16.49 -17.93 7.93
CA ARG B 366 -17.93 -17.72 7.89
C ARG B 366 -18.29 -16.25 7.88
N GLU B 367 -17.55 -15.43 8.64
CA GLU B 367 -17.80 -14.00 8.61
C GLU B 367 -17.52 -13.42 7.23
N ALA B 368 -16.53 -13.94 6.53
CA ALA B 368 -16.31 -13.53 5.14
C ALA B 368 -17.44 -14.01 4.25
N GLN B 369 -17.97 -15.20 4.51
CA GLN B 369 -19.06 -15.71 3.70
C GLN B 369 -20.33 -14.89 3.86
N LYS B 370 -20.54 -14.30 5.04
CA LYS B 370 -21.72 -13.49 5.27
C LYS B 370 -21.62 -12.09 4.67
N GLN B 371 -20.41 -11.65 4.31
CA GLN B 371 -20.23 -10.31 3.78
C GLN B 371 -20.25 -10.24 2.26
N VAL B 372 -20.15 -11.36 1.56
CA VAL B 372 -20.11 -11.31 0.10
C VAL B 372 -21.40 -11.84 -0.50
N LYS B 373 -21.62 -13.16 -0.43
CA LYS B 373 -22.83 -13.78 -1.00
C LYS B 373 -23.10 -13.30 -2.42
N LYS B 374 -22.04 -12.94 -3.15
CA LYS B 374 -22.15 -12.54 -4.54
C LYS B 374 -20.81 -12.74 -5.24
N ILE B 375 -20.54 -13.98 -5.65
CA ILE B 375 -19.23 -14.31 -6.20
C ILE B 375 -18.99 -13.54 -7.50
N ASP B 376 -17.73 -13.18 -7.73
CA ASP B 376 -17.33 -12.42 -8.90
C ASP B 376 -15.89 -12.76 -9.19
N SER B 377 -15.47 -12.51 -10.44
CA SER B 377 -14.08 -12.78 -10.79
C SER B 377 -13.12 -11.93 -9.95
N VAL B 378 -13.57 -10.76 -9.52
CA VAL B 378 -12.75 -9.94 -8.62
C VAL B 378 -12.87 -10.45 -7.18
N ALA B 379 -14.08 -10.80 -6.75
CA ALA B 379 -14.26 -11.28 -5.39
C ALA B 379 -13.55 -12.61 -5.17
N LEU B 380 -13.44 -13.44 -6.21
CA LEU B 380 -12.77 -14.73 -6.08
C LEU B 380 -11.30 -14.56 -5.76
N ARG B 381 -10.66 -13.50 -6.26
CA ARG B 381 -9.24 -13.29 -5.99
C ARG B 381 -9.00 -13.09 -4.50
N GLU B 382 -9.97 -12.52 -3.78
CA GLU B 382 -9.85 -12.43 -2.32
C GLU B 382 -10.32 -13.70 -1.63
N GLN B 383 -11.29 -14.41 -2.20
CA GLN B 383 -11.64 -15.72 -1.64
C GLN B 383 -10.49 -16.71 -1.82
N LYS B 384 -9.69 -16.55 -2.87
CA LYS B 384 -8.57 -17.46 -3.10
C LYS B 384 -7.48 -17.28 -2.06
N ALA B 385 -7.14 -16.03 -1.72
CA ALA B 385 -6.15 -15.78 -0.68
C ALA B 385 -6.65 -16.22 0.69
N LEU B 386 -7.97 -16.19 0.91
CA LEU B 386 -8.50 -16.68 2.18
C LEU B 386 -8.35 -18.18 2.29
N LYS B 387 -8.62 -18.91 1.20
CA LYS B 387 -8.50 -20.36 1.23
C LYS B 387 -7.06 -20.82 1.42
N THR B 388 -6.10 -20.06 0.88
CA THR B 388 -4.71 -20.47 1.02
C THR B 388 -4.26 -20.44 2.47
N LEU B 389 -4.76 -19.48 3.24
CA LEU B 389 -4.44 -19.46 4.66
C LEU B 389 -5.06 -20.65 5.38
N GLY B 390 -6.24 -21.09 4.93
CA GLY B 390 -6.84 -22.26 5.54
C GLY B 390 -6.17 -23.55 5.13
N ILE B 391 -5.68 -23.63 3.89
CA ILE B 391 -4.96 -24.82 3.47
C ILE B 391 -3.64 -24.96 4.23
N ILE B 392 -2.99 -23.83 4.55
CA ILE B 392 -1.81 -23.92 5.40
C ILE B 392 -2.20 -24.39 6.79
N MET B 393 -3.31 -23.89 7.32
CA MET B 393 -3.78 -24.34 8.63
C MET B 393 -4.23 -25.79 8.58
N GLY B 394 -4.80 -26.24 7.46
CA GLY B 394 -5.28 -27.60 7.34
C GLY B 394 -4.18 -28.59 7.09
N VAL B 395 -3.29 -28.27 6.15
CA VAL B 395 -2.18 -29.18 5.87
C VAL B 395 -1.26 -29.31 7.07
N PHE B 396 -1.14 -28.25 7.87
CA PHE B 396 -0.30 -28.33 9.06
C PHE B 396 -0.89 -29.32 10.06
N THR B 397 -2.19 -29.22 10.33
CA THR B 397 -2.82 -30.21 11.19
C THR B 397 -2.86 -31.58 10.54
N LEU B 398 -2.99 -31.65 9.22
CA LEU B 398 -2.96 -32.95 8.57
C LEU B 398 -1.63 -33.63 8.76
N CYS B 399 -0.54 -32.86 8.86
CA CYS B 399 0.80 -33.42 9.02
C CYS B 399 1.16 -33.69 10.47
N TRP B 400 0.85 -32.77 11.38
CA TRP B 400 1.26 -32.88 12.77
C TRP B 400 0.20 -33.43 13.71
N LEU B 401 -1.09 -33.24 13.39
CA LEU B 401 -2.13 -33.75 14.28
C LEU B 401 -1.99 -35.26 14.49
N PRO B 402 -1.78 -36.07 13.46
CA PRO B 402 -1.59 -37.51 13.71
C PRO B 402 -0.46 -37.80 14.67
N PHE B 403 0.62 -37.02 14.62
CA PHE B 403 1.72 -37.22 15.55
C PHE B 403 1.29 -36.98 16.99
N PHE B 404 0.39 -36.02 17.23
CA PHE B 404 0.05 -35.65 18.60
C PHE B 404 -1.13 -36.41 19.18
N LEU B 405 -2.14 -36.77 18.38
CA LEU B 405 -3.11 -37.71 18.89
C LEU B 405 -2.46 -39.07 19.16
N ALA B 406 -1.45 -39.43 18.36
CA ALA B 406 -0.70 -40.65 18.63
C ALA B 406 0.24 -40.49 19.82
N ASN B 407 0.81 -39.30 20.00
CA ASN B 407 1.77 -39.10 21.09
C ASN B 407 1.11 -39.26 22.45
N VAL B 408 -0.16 -38.91 22.57
CA VAL B 408 -0.85 -39.01 23.85
C VAL B 408 -1.24 -40.45 24.13
N VAL B 409 -1.86 -41.12 23.16
CA VAL B 409 -2.20 -42.53 23.34
C VAL B 409 -0.95 -43.39 23.38
N LYS B 410 0.13 -42.94 22.73
CA LYS B 410 1.38 -43.70 22.78
C LYS B 410 1.95 -43.72 24.18
N ALA B 411 1.67 -42.69 25.00
CA ALA B 411 2.12 -42.71 26.38
C ALA B 411 1.18 -43.55 27.26
N PHE B 412 -0.13 -43.39 27.08
CA PHE B 412 -1.10 -44.21 27.83
C PHE B 412 -1.08 -45.67 27.41
N HIS B 413 -0.61 -45.97 26.19
CA HIS B 413 -0.46 -47.32 25.68
C HIS B 413 0.93 -47.41 25.07
N ARG B 414 1.94 -47.68 25.90
CA ARG B 414 3.31 -47.61 25.43
C ARG B 414 3.57 -48.58 24.28
N GLU B 415 2.92 -49.74 24.28
CA GLU B 415 3.11 -50.73 23.24
C GLU B 415 2.13 -50.59 22.08
N LEU B 416 1.06 -49.80 22.23
CA LEU B 416 0.05 -49.70 21.17
C LEU B 416 0.51 -48.84 20.00
N VAL B 417 1.59 -48.07 20.16
CA VAL B 417 2.10 -47.24 19.07
C VAL B 417 3.54 -47.64 18.79
N PRO B 418 3.78 -48.56 17.84
CA PRO B 418 5.15 -48.96 17.54
C PRO B 418 5.97 -47.81 16.97
N ASP B 419 7.27 -47.88 17.21
CA ASP B 419 8.19 -46.94 16.55
C ASP B 419 8.12 -47.09 15.04
N ARG B 420 7.67 -48.25 14.54
CA ARG B 420 7.33 -48.39 13.14
C ARG B 420 6.66 -47.13 12.60
N LEU B 421 5.50 -46.80 13.16
CA LEU B 421 4.69 -45.69 12.68
C LEU B 421 4.93 -44.38 13.43
N PHE B 422 5.33 -44.44 14.70
CA PHE B 422 5.53 -43.20 15.44
C PHE B 422 6.64 -42.36 14.83
N VAL B 423 7.70 -43.00 14.33
CA VAL B 423 8.70 -42.23 13.59
C VAL B 423 8.09 -41.72 12.28
N PHE B 424 7.19 -42.51 11.68
CA PHE B 424 6.51 -42.05 10.47
C PHE B 424 5.59 -40.87 10.75
N PHE B 425 4.95 -40.84 11.93
CA PHE B 425 4.11 -39.70 12.28
C PHE B 425 4.94 -38.42 12.43
N ASN B 426 6.20 -38.55 12.85
CA ASN B 426 7.06 -37.39 13.02
C ASN B 426 7.69 -36.96 11.69
N TRP B 427 8.02 -37.91 10.83
CA TRP B 427 8.45 -37.53 9.48
C TRP B 427 7.29 -36.99 8.66
N LEU B 428 6.05 -37.33 9.03
CA LEU B 428 4.90 -36.65 8.43
C LEU B 428 4.91 -35.17 8.79
N GLY B 429 5.30 -34.85 10.02
CA GLY B 429 5.36 -33.45 10.42
C GLY B 429 6.58 -32.74 9.87
N TYR B 430 7.70 -33.45 9.72
CA TYR B 430 8.86 -32.85 9.06
C TYR B 430 8.55 -32.55 7.60
N ALA B 431 7.65 -33.33 7.00
CA ALA B 431 7.28 -33.13 5.59
C ALA B 431 6.58 -31.80 5.36
N ASN B 432 5.96 -31.24 6.40
CA ASN B 432 5.26 -29.97 6.23
C ASN B 432 6.20 -28.87 5.79
N SER B 433 7.48 -28.93 6.19
CA SER B 433 8.41 -27.88 5.82
C SER B 433 8.59 -27.81 4.31
N ALA B 434 8.37 -28.91 3.60
CA ALA B 434 8.47 -28.93 2.15
C ALA B 434 7.17 -28.55 1.45
N PHE B 435 6.06 -28.66 2.13
CA PHE B 435 4.85 -28.35 1.46
C PHE B 435 4.49 -26.89 1.45
N ASN B 436 4.74 -26.20 2.55
CA ASN B 436 4.28 -24.82 2.68
C ASN B 436 4.74 -23.94 1.53
N PRO B 437 6.01 -23.93 1.13
CA PRO B 437 6.38 -23.13 -0.05
C PRO B 437 5.63 -23.54 -1.30
N ILE B 438 5.31 -24.82 -1.45
CA ILE B 438 4.52 -25.23 -2.60
C ILE B 438 3.12 -24.63 -2.53
N ILE B 439 2.55 -24.54 -1.31
CA ILE B 439 1.22 -23.97 -1.16
C ILE B 439 1.22 -22.49 -1.46
N TYR B 440 2.35 -21.80 -1.25
CA TYR B 440 2.41 -20.37 -1.47
C TYR B 440 2.22 -20.03 -2.94
N CYS B 441 2.42 -21.01 -3.83
CA CYS B 441 2.34 -20.76 -5.25
C CYS B 441 0.93 -20.40 -5.70
N ARG B 442 -0.09 -20.66 -4.88
CA ARG B 442 -1.45 -20.31 -5.30
C ARG B 442 -1.58 -18.83 -5.59
N SER B 443 -0.89 -18.00 -4.81
CA SER B 443 -1.01 -16.56 -4.98
C SER B 443 -0.26 -16.12 -6.23
N PRO B 444 -0.90 -15.38 -7.14
CA PRO B 444 -0.17 -14.89 -8.32
C PRO B 444 1.03 -14.03 -7.96
N ASP B 445 0.94 -13.25 -6.88
CA ASP B 445 2.06 -12.41 -6.50
C ASP B 445 3.29 -13.24 -6.15
N PHE B 446 3.10 -14.42 -5.57
CA PHE B 446 4.23 -15.29 -5.32
C PHE B 446 4.77 -15.89 -6.62
N ARG B 447 3.88 -16.37 -7.50
CA ARG B 447 4.35 -16.90 -8.78
C ARG B 447 5.00 -15.81 -9.63
N LYS B 448 4.48 -14.58 -9.55
CA LYS B 448 5.16 -13.47 -10.20
C LYS B 448 6.51 -13.20 -9.56
N ALA B 449 6.63 -13.51 -8.26
CA ALA B 449 7.91 -13.36 -7.58
C ALA B 449 8.83 -14.55 -7.84
N PHE B 450 8.29 -15.77 -7.82
CA PHE B 450 9.14 -16.94 -8.01
C PHE B 450 9.75 -16.96 -9.41
N GLN B 451 8.95 -16.65 -10.43
CA GLN B 451 9.46 -16.71 -11.80
C GLN B 451 10.52 -15.65 -12.04
N GLY B 452 10.45 -14.52 -11.32
CA GLY B 452 11.47 -13.50 -11.47
C GLY B 452 12.78 -13.80 -10.77
N LEU B 453 12.79 -14.76 -9.85
CA LEU B 453 14.02 -15.23 -9.24
C LEU B 453 14.60 -16.42 -10.00
N LEU B 454 13.74 -17.28 -10.53
CA LEU B 454 14.19 -18.48 -11.24
C LEU B 454 14.63 -18.18 -12.67
N CYS B 455 14.41 -16.96 -13.16
CA CYS B 455 14.81 -16.60 -14.52
C CYS B 455 14.09 -17.46 -15.55
C1 GLC C . 45.85 -55.77 15.47
C2 GLC C . 44.85 -56.62 14.69
C3 GLC C . 44.36 -55.92 13.49
C4 GLC C . 44.36 -54.42 13.63
C5 GLC C . 44.18 -53.97 15.07
C6 GLC C . 42.85 -54.49 15.63
O1 GLC C . 46.93 -55.56 14.67
O2 GLC C . 45.48 -57.87 14.30
O3 GLC C . 43.00 -56.36 13.23
O4 GLC C . 45.63 -53.83 13.16
O5 GLC C . 45.29 -54.46 15.92
O6 GLC C . 42.03 -53.38 16.01
C1 GLC C . 45.83 -53.87 11.80
C2 GLC C . 44.64 -53.30 11.00
C3 GLC C . 43.73 -54.32 10.42
C4 GLC C . 44.48 -55.40 9.72
C5 GLC C . 45.42 -56.12 10.71
C6 GLC C . 46.16 -57.19 9.94
O2 GLC C . 43.86 -52.39 11.81
O3 GLC C . 42.88 -53.64 9.44
O4 GLC C . 43.57 -56.34 9.19
O5 GLC C . 46.37 -55.22 11.38
O6 GLC C . 45.22 -57.98 9.30
C1 CLR D . -8.18 9.71 -14.65
C2 CLR D . -7.28 8.69 -13.94
C3 CLR D . -6.83 9.18 -12.57
C4 CLR D . -8.10 9.32 -11.75
C5 CLR D . -8.88 10.41 -12.41
C6 CLR D . -9.12 11.54 -11.73
C7 CLR D . -10.36 12.35 -11.98
C8 CLR D . -10.83 12.22 -13.40
C9 CLR D . -9.77 11.61 -14.29
C10 CLR D . -9.33 10.25 -13.82
C11 CLR D . -10.27 11.61 -15.72
C12 CLR D . -10.56 13.02 -16.21
C13 CLR D . -11.61 13.61 -15.30
C14 CLR D . -11.08 13.60 -13.91
C15 CLR D . -12.08 14.39 -13.13
C16 CLR D . -12.70 15.33 -14.16
C17 CLR D . -11.95 15.07 -15.45
C18 CLR D . -12.86 12.77 -15.34
C19 CLR D . -10.49 9.27 -13.82
C20 CLR D . -12.73 15.52 -16.65
C21 CLR D . -12.29 14.80 -17.90
C22 CLR D . -12.56 17.03 -16.84
C23 CLR D . -13.83 17.77 -17.20
C24 CLR D . -13.59 18.89 -18.20
C25 CLR D . -14.51 20.06 -17.93
C26 CLR D . -13.74 21.26 -17.42
C27 CLR D . -15.28 20.47 -19.17
O1 CLR D . -5.97 8.26 -11.91
O17 CAU E . -21.30 28.50 -8.25
C16 CAU E . -22.70 28.34 -8.36
C18 CAU E . -23.22 28.95 -9.67
N19 CAU E . -22.60 30.24 -9.96
C20 CAU E . -23.32 31.27 -10.71
C21 CAU E . -23.73 30.71 -12.06
C22 CAU E . -22.44 32.52 -10.82
C15 CAU E . -23.04 26.88 -8.31
O14 CAU E . -24.44 26.71 -8.48
C13 CAU E . -25.08 25.52 -8.50
C12 CAU E . -24.36 24.31 -8.44
C11 CAU E . -25.02 23.08 -8.47
C10 CAU E . -26.40 23.02 -8.55
C8 CAU E . -27.15 24.16 -8.60
C9 CAU E . -26.46 25.44 -8.58
N7 CAU E . -28.50 24.42 -8.68
C3 CAU E . -28.71 25.77 -8.70
C4 CAU E . -27.40 26.41 -8.65
C2 CAU E . -29.82 26.57 -8.78
C1 CAU E . -29.68 27.96 -8.79
C6 CAU E . -28.43 28.56 -8.73
C5 CAU E . -27.28 27.79 -8.65
S SO4 F . -21.84 49.44 -17.03
O1 SO4 F . -21.64 50.88 -16.94
O2 SO4 F . -22.37 49.14 -18.36
O3 SO4 F . -20.58 48.72 -16.83
O4 SO4 F . -22.79 49.01 -16.01
S SO4 G . -36.46 55.90 -21.45
O1 SO4 G . -35.69 57.11 -21.12
O2 SO4 G . -37.87 56.25 -21.57
O3 SO4 G . -35.96 55.37 -22.72
O4 SO4 G . -36.32 54.92 -20.40
S SO4 H . -25.94 70.31 -1.37
O1 SO4 H . -25.04 70.83 -2.40
O2 SO4 H . -27.26 70.92 -1.56
O3 SO4 H . -26.03 68.86 -1.48
O4 SO4 H . -25.43 70.66 -0.05
S SO4 I . -37.47 62.33 -16.14
O1 SO4 I . -36.48 63.37 -15.86
O2 SO4 I . -38.33 62.75 -17.23
O3 SO4 I . -36.76 61.11 -16.49
O4 SO4 I . -38.28 62.07 -14.95
S SO4 J . -4.09 51.45 -25.55
O1 SO4 J . -3.83 52.68 -24.82
O2 SO4 J . -4.91 51.75 -26.71
O3 SO4 J . -2.82 50.89 -25.97
O4 SO4 J . -4.78 50.52 -24.67
S SO4 K . -38.37 35.63 -25.56
O1 SO4 K . -37.90 36.89 -24.98
O2 SO4 K . -39.47 35.91 -26.48
O3 SO4 K . -37.24 35.00 -26.25
O4 SO4 K . -38.85 34.73 -24.51
C10 1WV L . -16.62 38.82 -1.68
C13 1WV L . -18.97 40.55 -4.29
C17 1WV L . -21.85 42.37 -5.39
C20 1WV L . -22.06 42.12 -7.88
C07 1WV L . -14.51 35.73 -0.71
C08 1WV L . -15.12 37.11 -0.52
C09 1WV L . -15.51 37.78 -1.84
C11 1WV L . -17.11 39.37 -3.02
C12 1WV L . -18.34 40.28 -2.93
C14 1WV L . -19.80 41.83 -4.38
O15 1WV L . -20.65 41.94 -3.27
O16 1WV L . -20.57 41.84 -5.55
C18 1WV L . -22.76 41.92 -6.53
O19 1WV L . -23.96 42.65 -6.51
O21 1WV L . -22.94 41.79 -8.92
NA NA M . -27.39 37.23 -20.53
C1 CIT N . -41.28 33.08 -13.92
O1 CIT N . -41.84 34.18 -14.16
O2 CIT N . -41.17 32.24 -14.84
C2 CIT N . -40.75 32.79 -12.54
C3 CIT N . -41.59 31.70 -11.90
O7 CIT N . -42.99 31.88 -12.21
C4 CIT N . -41.10 30.35 -12.38
C5 CIT N . -42.10 29.23 -12.21
O3 CIT N . -43.02 29.07 -13.03
O4 CIT N . -41.98 28.43 -11.25
C6 CIT N . -41.30 31.72 -10.41
O5 CIT N . -41.01 32.78 -9.81
O6 CIT N . -41.34 30.66 -9.77
C1 CIT O . -17.49 48.89 -11.09
O1 CIT O . -17.91 49.06 -12.27
O2 CIT O . -16.48 49.53 -10.71
C2 CIT O . -18.21 47.94 -10.15
C3 CIT O . -18.79 48.66 -8.92
O7 CIT O . -20.19 48.33 -8.90
C4 CIT O . -18.11 48.14 -7.65
C5 CIT O . -18.58 48.77 -6.36
O3 CIT O . -18.47 50.01 -6.16
O4 CIT O . -19.01 48.06 -5.41
C6 CIT O . -18.57 50.17 -9.03
O5 CIT O . -19.36 50.95 -9.63
O6 CIT O . -17.55 50.67 -8.49
O1 PG4 P . -9.73 57.82 -8.11
C1 PG4 P . -10.70 58.34 -7.25
C2 PG4 P . -11.21 59.66 -7.81
O2 PG4 P . -11.76 59.39 -9.07
C3 PG4 P . -11.33 60.23 -10.11
C4 PG4 P . -12.22 61.46 -10.14
O3 PG4 P . -12.26 62.03 -8.86
C5 PG4 P . -12.08 63.41 -8.84
C6 PG4 P . -11.98 63.89 -7.40
O4 PG4 P . -11.08 63.11 -6.65
C7 PG4 P . -10.83 63.62 -5.38
C8 PG4 P . -9.48 64.34 -5.38
O5 PG4 P . -9.63 65.66 -5.82
O1 PG4 Q . -7.13 62.40 -6.46
C1 PG4 Q . -7.90 61.54 -7.26
C2 PG4 Q . -8.71 62.36 -8.28
O2 PG4 Q . -8.39 61.97 -9.58
C3 PG4 Q . -7.16 62.44 -10.05
C4 PG4 Q . -7.31 63.87 -10.57
O3 PG4 Q . -6.13 64.58 -10.31
C5 PG4 Q . -6.28 65.90 -9.85
C6 PG4 Q . -6.84 65.91 -8.43
O4 PG4 Q . -6.14 66.82 -7.62
C7 PG4 Q . -4.91 66.34 -7.13
C8 PG4 Q . -4.12 67.46 -6.45
O5 PG4 Q . -4.97 68.51 -6.10
O1 PG4 R . -37.49 32.64 -23.26
C1 PG4 R . -36.26 32.16 -22.78
C2 PG4 R . -35.74 31.02 -23.67
O2 PG4 R . -36.60 29.91 -23.71
C3 PG4 R . -37.16 29.47 -22.50
C4 PG4 R . -38.50 30.15 -22.23
O3 PG4 R . -39.28 29.33 -21.41
C5 PG4 R . -39.14 29.59 -20.03
C6 PG4 R . -39.87 28.49 -19.26
O4 PG4 R . -39.02 27.37 -19.15
C7 PG4 R . -39.67 26.16 -18.85
C8 PG4 R . -38.92 25.02 -19.54
O5 PG4 R . -38.41 25.46 -20.76
O17 CAU S . 9.65 -33.07 15.66
C16 CAU S . 9.18 -33.40 16.96
C18 CAU S . 10.33 -33.83 17.86
N19 CAU S . 11.27 -34.72 17.19
C20 CAU S . 12.01 -35.74 17.92
C21 CAU S . 12.83 -35.07 19.02
C22 CAU S . 12.89 -36.54 16.95
C15 CAU S . 8.49 -32.20 17.55
O14 CAU S . 8.06 -32.50 18.86
C13 CAU S . 7.42 -31.63 19.68
C12 CAU S . 7.20 -30.30 19.30
C11 CAU S . 6.55 -29.41 20.14
C10 CAU S . 6.08 -29.81 21.39
C8 CAU S . 6.27 -31.10 21.81
C9 CAU S . 6.96 -32.02 20.93
N7 CAU S . 5.94 -31.78 22.96
C3 CAU S . 6.37 -33.08 22.86
C4 CAU S . 7.02 -33.23 21.57
C2 CAU S . 6.31 -34.19 23.69
C1 CAU S . 6.87 -35.39 23.26
C6 CAU S . 7.49 -35.51 22.02
C5 CAU S . 7.57 -34.43 21.16
S SO4 T . 31.37 -67.73 24.48
O1 SO4 T . 31.82 -66.46 25.05
O2 SO4 T . 31.56 -67.69 23.03
O3 SO4 T . 32.14 -68.86 25.02
O4 SO4 T . 29.97 -67.91 24.84
S SO4 U . 27.47 -49.30 14.44
O1 SO4 U . 26.27 -49.53 15.25
O2 SO4 U . 27.14 -48.47 13.29
O3 SO4 U . 28.03 -50.56 13.97
O4 SO4 U . 28.48 -48.61 15.23
C10 1WV V . 9.49 -41.35 5.01
C13 1WV V . 11.46 -43.19 7.78
C17 1WV V . 11.74 -46.27 9.79
C20 1WV V . 12.99 -48.15 10.89
C07 1WV V . 7.60 -38.83 5.04
C08 1WV V . 8.29 -39.45 3.84
C09 1WV V . 9.64 -40.06 4.20
C11 1WV V . 10.63 -41.57 6.00
C12 1WV V . 10.24 -42.55 7.10
C14 1WV V . 11.15 -44.60 8.26
O15 1WV V . 9.82 -44.67 8.71
O16 1WV V . 12.01 -44.99 9.30
C18 1WV V . 12.71 -46.64 10.91
O19 1WV V . 12.14 -46.31 12.15
O21 1WV V . 14.04 -48.46 11.77
O1 PG4 W . 23.97 -57.59 -5.34
C1 PG4 W . 24.34 -58.36 -6.45
C2 PG4 W . 25.73 -58.95 -6.20
O2 PG4 W . 26.40 -58.13 -5.28
C3 PG4 W . 27.47 -58.75 -4.63
C4 PG4 W . 26.98 -59.55 -3.42
O3 PG4 W . 28.08 -60.17 -2.81
C5 PG4 W . 28.70 -59.60 -1.69
C6 PG4 W . 28.40 -58.11 -1.45
O4 PG4 W . 27.15 -57.97 -0.83
C7 PG4 W . 26.42 -56.85 -1.23
C8 PG4 W . 27.09 -55.56 -0.75
O5 PG4 W . 26.41 -54.47 -1.30
#